data_8ON1
#
_entry.id   8ON1
#
_cell.length_a   112.410
_cell.length_b   75.360
_cell.length_c   71.350
_cell.angle_alpha   90.00
_cell.angle_beta   111.44
_cell.angle_gamma   90.00
#
_symmetry.space_group_name_H-M   'C 1 2 1'
#
loop_
_entity.id
_entity.type
_entity.pdbx_description
1 polymer 'Carbon monoxide dehydrogenase 2'
2 non-polymer 'IRON/SULFUR CLUSTER'
3 non-polymer 'FE2/S2 (INORGANIC) CLUSTER'
4 non-polymer 'FE (III) ION'
5 non-polymer 'FE (II) ION'
6 water water
#
_entity_poly.entity_id   1
_entity_poly.type   'polypeptide(L)'
_entity_poly.pdbx_seq_one_letter_code
;MAKQNLKSTDRAVQQMLDKAKREGIQTVWDRYEAMKPQCGFGETGLCCRHCLQGPCRINPFGDEPKVGICGATAEVIVAR
GLDRSIAAGAAGHSGHAKHLAHTLKKAVQGKAASYMIKDRTKLHSIAKRLGIPTEGQKDEDIALEVAKAALADFHEKDTP
VLWVTTVLPPSRVKVLSAHGLIPAGIDHEIAEIMHRTSMGCDADAQNLLLGGLRCSLADLAGCYMGTDLADILFGTPAPV
VTESNLGVLKADAVNVAVHGHNPVLSDIIVSVSKEMENEARAAGATGINVVGI(CSO)CTGNEVLMRHGIPACTHSVSQE
MAMITGALDAMILDYQCIQPSVATIAECTGTTVITTMEMSKITGATHVNFAEEAAVENAKQILRLAIDTFKRRKGKPVEI
PNIKTKVVAGFSTEAIINALSKLNANDPLKPLIDNVVNGNIRGVCLFAGCNNVKVPQDQNFTTIARKLLKQNVLVVATGC
GAGALMRHGFMDPANVDELCGDGLKAVLTAIGEANGLGGPLPPVLHMGSCVDNSRAVALVAALANRLGVDLDRLPVVASA
AEAMHEKAVAIGTWAVTIGLPTHIGVLPPITGSLPVTQILTSSVKDITGGYFIVELDPETAADKLLAAINERRAGLGLPW
;
_entity_poly.pdbx_strand_id   X
#
loop_
_chem_comp.id
_chem_comp.type
_chem_comp.name
_chem_comp.formula
FE non-polymer 'FE (III) ION' 'Fe 3'
FE2 non-polymer 'FE (II) ION' 'Fe 2'
FES non-polymer 'FE2/S2 (INORGANIC) CLUSTER' 'Fe2 S2'
SF4 non-polymer 'IRON/SULFUR CLUSTER' 'Fe4 S4'
#
# COMPACT_ATOMS: atom_id res chain seq x y z
N GLN A 4 -25.98 -5.12 -8.10
CA GLN A 4 -24.54 -4.80 -8.21
C GLN A 4 -23.93 -4.13 -6.96
N ASN A 5 -24.78 -3.53 -6.12
CA ASN A 5 -24.30 -3.02 -4.83
C ASN A 5 -23.83 -4.13 -3.90
N LEU A 6 -24.15 -5.39 -4.22
CA LEU A 6 -23.56 -6.48 -3.47
C LEU A 6 -22.13 -6.76 -3.91
N LYS A 7 -21.73 -6.29 -5.09
CA LYS A 7 -20.35 -6.47 -5.62
C LYS A 7 -19.49 -5.26 -5.25
N SER A 8 -20.00 -4.06 -5.46
CA SER A 8 -19.22 -2.87 -5.16
C SER A 8 -20.12 -1.78 -4.59
N THR A 9 -19.64 -1.06 -3.57
CA THR A 9 -20.36 0.13 -3.07
C THR A 9 -20.11 1.39 -3.90
N ASP A 10 -19.23 1.31 -4.88
CA ASP A 10 -18.92 2.44 -5.76
C ASP A 10 -19.91 2.50 -6.92
N ARG A 11 -20.61 3.62 -7.05
CA ARG A 11 -21.66 3.74 -8.05
CA ARG A 11 -21.67 3.66 -8.05
C ARG A 11 -21.11 3.73 -9.46
N ALA A 12 -19.87 4.20 -9.65
CA ALA A 12 -19.31 4.15 -10.99
C ALA A 12 -19.00 2.71 -11.39
N VAL A 13 -18.51 1.95 -10.43
CA VAL A 13 -18.25 0.53 -10.65
C VAL A 13 -19.54 -0.20 -10.93
N GLN A 14 -20.59 0.12 -10.19
CA GLN A 14 -21.87 -0.55 -10.44
C GLN A 14 -22.34 -0.29 -11.88
N GLN A 15 -22.17 0.94 -12.36
CA GLN A 15 -22.60 1.27 -13.71
C GLN A 15 -21.83 0.49 -14.76
N MET A 16 -20.51 0.34 -14.54
CA MET A 16 -19.70 -0.46 -15.46
C MET A 16 -19.98 -1.96 -15.33
N LEU A 17 -20.36 -2.44 -14.15
CA LEU A 17 -20.77 -3.84 -14.01
C LEU A 17 -21.99 -4.11 -14.85
N ASP A 18 -22.92 -3.14 -14.92
CA ASP A 18 -24.07 -3.33 -15.79
C ASP A 18 -23.66 -3.37 -17.26
N LYS A 19 -22.71 -2.48 -17.65
CA LYS A 19 -22.27 -2.49 -19.04
C LYS A 19 -21.55 -3.81 -19.36
N ALA A 20 -20.65 -4.25 -18.47
CA ALA A 20 -19.97 -5.52 -18.71
C ALA A 20 -20.97 -6.65 -18.86
N LYS A 21 -22.03 -6.64 -18.04
CA LYS A 21 -23.01 -7.72 -18.10
C LYS A 21 -23.72 -7.70 -19.45
N ARG A 22 -24.17 -6.54 -19.92
CA ARG A 22 -24.90 -6.55 -21.19
C ARG A 22 -24.00 -6.85 -22.38
N GLU A 23 -22.70 -6.57 -22.29
CA GLU A 23 -21.73 -6.87 -23.32
C GLU A 23 -21.13 -8.25 -23.20
N GLY A 24 -21.46 -8.99 -22.15
CA GLY A 24 -20.91 -10.34 -21.99
C GLY A 24 -19.45 -10.40 -21.64
N ILE A 25 -18.92 -9.36 -21.00
CA ILE A 25 -17.53 -9.35 -20.61
C ILE A 25 -17.45 -9.87 -19.20
N GLN A 26 -16.74 -10.98 -19.02
CA GLN A 26 -16.55 -11.55 -17.68
C GLN A 26 -15.65 -10.67 -16.81
N THR A 27 -16.04 -10.49 -15.56
CA THR A 27 -15.30 -9.69 -14.58
C THR A 27 -14.76 -10.55 -13.45
N VAL A 28 -14.00 -9.89 -12.59
CA VAL A 28 -13.48 -10.54 -11.39
C VAL A 28 -14.62 -11.11 -10.52
N TRP A 29 -15.76 -10.41 -10.44
CA TRP A 29 -16.87 -10.90 -9.63
C TRP A 29 -17.49 -12.13 -10.26
N ASP A 30 -17.53 -12.17 -11.58
CA ASP A 30 -18.03 -13.36 -12.26
C ASP A 30 -17.08 -14.53 -12.05
N ARG A 31 -15.79 -14.29 -12.10
CA ARG A 31 -14.83 -15.37 -11.89
C ARG A 31 -14.88 -15.86 -10.44
N TYR A 32 -15.13 -14.98 -9.49
CA TYR A 32 -15.34 -15.37 -8.11
C TYR A 32 -16.57 -16.25 -7.99
N GLU A 33 -17.70 -15.80 -8.53
CA GLU A 33 -18.90 -16.65 -8.47
C GLU A 33 -18.63 -18.04 -9.02
N ALA A 34 -17.86 -18.14 -10.13
CA ALA A 34 -17.60 -19.44 -10.72
C ALA A 34 -16.68 -20.30 -9.89
N MET A 35 -16.00 -19.70 -8.90
CA MET A 35 -15.09 -20.43 -8.03
C MET A 35 -15.78 -20.99 -6.78
N LYS A 36 -16.98 -20.57 -6.51
CA LYS A 36 -17.66 -21.01 -5.27
C LYS A 36 -18.28 -22.37 -5.48
N PRO A 37 -18.32 -23.23 -4.43
CA PRO A 37 -17.74 -22.99 -3.08
C PRO A 37 -16.24 -23.16 -3.13
N GLN A 38 -15.47 -22.30 -2.49
CA GLN A 38 -14.02 -22.44 -2.45
C GLN A 38 -13.59 -23.51 -1.46
N CYS A 39 -12.38 -23.98 -1.66
CA CYS A 39 -11.84 -25.07 -0.86
C CYS A 39 -11.64 -24.66 0.60
N GLY A 40 -12.28 -25.37 1.51
CA GLY A 40 -12.18 -25.02 2.90
C GLY A 40 -10.83 -25.36 3.53
N PHE A 41 -10.12 -26.37 2.97
CA PHE A 41 -8.78 -26.66 3.50
C PHE A 41 -7.86 -25.48 3.23
N GLY A 42 -7.90 -24.93 2.02
CA GLY A 42 -7.07 -23.79 1.74
C GLY A 42 -7.48 -22.55 2.53
N GLU A 43 -8.78 -22.33 2.65
CA GLU A 43 -9.25 -21.12 3.32
C GLU A 43 -8.79 -21.08 4.78
N THR A 44 -8.71 -22.25 5.46
CA THR A 44 -8.32 -22.36 6.87
C THR A 44 -6.81 -22.53 7.07
N GLY A 45 -6.07 -22.67 5.99
CA GLY A 45 -4.65 -22.89 6.05
C GLY A 45 -4.22 -24.34 6.11
N LEU A 46 -5.14 -25.28 6.09
CA LEU A 46 -4.88 -26.72 6.34
C LEU A 46 -4.66 -27.48 5.04
N CYS A 47 -3.79 -26.91 4.22
CA CYS A 47 -3.31 -27.56 3.02
C CYS A 47 -1.84 -27.28 2.82
N CYS A 48 -1.09 -28.31 2.44
CA CYS A 48 0.34 -28.18 2.19
C CYS A 48 0.63 -28.85 0.86
N ARG A 49 1.42 -28.19 0.03
CA ARG A 49 1.98 -28.71 -1.22
C ARG A 49 3.50 -28.53 -1.26
N HIS A 50 4.16 -28.51 -0.09
CA HIS A 50 5.60 -28.23 -0.06
C HIS A 50 6.47 -29.40 -0.51
N CYS A 51 5.89 -30.56 -0.81
CA CYS A 51 6.67 -31.64 -1.39
C CYS A 51 5.77 -32.50 -2.25
N LEU A 52 6.40 -33.35 -3.06
CA LEU A 52 5.66 -34.14 -4.03
C LEU A 52 5.02 -35.40 -3.43
N GLN A 53 5.02 -35.52 -2.11
CA GLN A 53 4.16 -36.51 -1.50
C GLN A 53 2.77 -35.95 -1.29
N GLY A 54 2.63 -34.62 -1.33
CA GLY A 54 1.33 -33.98 -1.17
C GLY A 54 0.52 -34.04 -2.45
N PRO A 55 -0.58 -33.36 -2.48
CA PRO A 55 -1.01 -32.40 -1.48
C PRO A 55 -1.48 -33.09 -0.20
N CYS A 56 -1.18 -32.44 0.92
CA CYS A 56 -1.70 -32.87 2.21
C CYS A 56 -2.74 -31.89 2.68
N ARG A 57 -3.80 -32.41 3.21
CA ARG A 57 -4.82 -31.57 3.82
C ARG A 57 -5.10 -32.12 5.21
N ILE A 58 -5.61 -31.27 6.10
CA ILE A 58 -6.04 -31.72 7.41
C ILE A 58 -7.47 -31.25 7.61
N ASN A 59 -8.34 -32.15 8.11
CA ASN A 59 -9.73 -31.74 8.32
C ASN A 59 -9.75 -30.79 9.50
N PRO A 60 -10.38 -29.63 9.37
CA PRO A 60 -10.50 -28.74 10.52
C PRO A 60 -11.04 -29.47 11.74
N PHE A 61 -12.02 -30.33 11.52
CA PHE A 61 -12.67 -31.07 12.59
C PHE A 61 -13.09 -32.43 12.07
N GLY A 62 -13.14 -33.42 12.96
CA GLY A 62 -13.61 -34.73 12.57
C GLY A 62 -12.51 -35.75 12.63
N ASP A 63 -12.45 -36.58 11.60
CA ASP A 63 -11.55 -37.71 11.61
C ASP A 63 -10.40 -37.45 10.66
N GLU A 64 -9.71 -38.53 10.26
CA GLU A 64 -8.49 -38.42 9.48
CA GLU A 64 -8.49 -38.40 9.49
C GLU A 64 -8.81 -37.86 8.08
N PRO A 65 -7.86 -37.16 7.46
CA PRO A 65 -6.49 -36.85 7.87
C PRO A 65 -6.43 -35.81 8.98
N LYS A 66 -5.56 -36.13 9.95
CA LYS A 66 -5.25 -35.25 11.08
C LYS A 66 -3.86 -34.65 11.05
N VAL A 67 -2.97 -35.15 10.19
CA VAL A 67 -1.58 -34.75 10.18
C VAL A 67 -1.08 -34.96 8.77
N GLY A 68 -0.13 -34.15 8.35
CA GLY A 68 0.45 -34.33 7.04
C GLY A 68 1.26 -35.63 6.95
N ILE A 69 1.57 -36.02 5.71
CA ILE A 69 2.23 -37.30 5.46
C ILE A 69 3.56 -37.38 6.21
N CYS A 70 4.36 -36.28 6.22
CA CYS A 70 5.67 -36.27 6.87
C CYS A 70 5.57 -36.13 8.37
N GLY A 71 4.36 -35.96 8.89
CA GLY A 71 4.16 -35.67 10.30
C GLY A 71 3.90 -34.23 10.61
N ALA A 72 3.84 -33.35 9.62
CA ALA A 72 3.59 -31.94 9.91
C ALA A 72 2.22 -31.74 10.49
N THR A 73 2.17 -31.09 11.62
CA THR A 73 0.91 -30.82 12.29
C THR A 73 0.18 -29.64 11.63
N ALA A 74 -1.07 -29.43 12.08
CA ALA A 74 -1.84 -28.30 11.62
C ALA A 74 -1.12 -27.00 11.94
N GLU A 75 -0.51 -26.92 13.13
CA GLU A 75 0.14 -25.67 13.49
CA GLU A 75 0.24 -25.75 13.59
C GLU A 75 1.38 -25.44 12.65
N VAL A 76 2.12 -26.50 12.28
CA VAL A 76 3.26 -26.30 11.40
C VAL A 76 2.82 -25.90 10.01
N ILE A 77 1.84 -26.60 9.47
CA ILE A 77 1.34 -26.33 8.14
C ILE A 77 0.84 -24.89 8.03
N VAL A 78 0.06 -24.45 9.01
CA VAL A 78 -0.46 -23.10 8.94
C VAL A 78 0.65 -22.08 9.07
N ALA A 79 1.58 -22.29 10.02
CA ALA A 79 2.66 -21.32 10.19
C ALA A 79 3.58 -21.25 8.97
N ARG A 80 3.86 -22.40 8.34
CA ARG A 80 4.70 -22.41 7.14
C ARG A 80 4.04 -21.65 5.98
N GLY A 81 2.74 -21.86 5.79
CA GLY A 81 2.06 -21.14 4.73
C GLY A 81 2.09 -19.66 4.97
N LEU A 82 1.84 -19.25 6.22
CA LEU A 82 1.81 -17.83 6.49
C LEU A 82 3.19 -17.24 6.28
N ASP A 83 4.23 -17.93 6.73
CA ASP A 83 5.58 -17.41 6.57
C ASP A 83 5.90 -17.22 5.09
N ARG A 84 5.54 -18.16 4.22
CA ARG A 84 5.81 -17.98 2.77
C ARG A 84 5.04 -16.76 2.23
N SER A 85 3.86 -16.48 2.72
CA SER A 85 3.15 -15.30 2.24
CA SER A 85 3.13 -15.30 2.25
C SER A 85 3.86 -14.03 2.65
N ILE A 86 4.39 -14.02 3.87
CA ILE A 86 5.15 -12.87 4.33
C ILE A 86 6.38 -12.68 3.44
N ALA A 87 7.11 -13.76 3.20
CA ALA A 87 8.31 -13.69 2.36
C ALA A 87 7.95 -13.17 0.98
N ALA A 88 6.85 -13.64 0.38
CA ALA A 88 6.46 -13.19 -0.93
C ALA A 88 6.16 -11.71 -0.91
N GLY A 89 5.47 -11.23 0.11
CA GLY A 89 5.20 -9.81 0.21
C GLY A 89 6.47 -9.00 0.34
N ALA A 90 7.42 -9.48 1.16
CA ALA A 90 8.69 -8.81 1.33
C ALA A 90 9.44 -8.77 0.00
N ALA A 91 9.31 -9.84 -0.77
CA ALA A 91 9.96 -9.91 -2.07
C ALA A 91 9.43 -8.87 -3.02
N GLY A 92 8.13 -8.56 -2.91
CA GLY A 92 7.56 -7.57 -3.81
C GLY A 92 7.98 -6.16 -3.41
N HIS A 93 7.82 -5.81 -2.16
CA HIS A 93 8.11 -4.46 -1.74
C HIS A 93 9.58 -4.21 -1.88
N SER A 94 10.41 -5.20 -1.53
CA SER A 94 11.84 -4.95 -1.64
C SER A 94 12.37 -5.07 -3.09
N GLY A 95 11.68 -5.79 -3.99
CA GLY A 95 12.03 -5.75 -5.41
C GLY A 95 11.82 -4.36 -5.99
N HIS A 96 10.71 -3.75 -5.58
CA HIS A 96 10.41 -2.36 -5.94
C HIS A 96 11.47 -1.42 -5.42
N ALA A 97 11.89 -1.60 -4.17
CA ALA A 97 12.93 -0.73 -3.61
C ALA A 97 14.27 -0.92 -4.30
N LYS A 98 14.63 -2.18 -4.57
CA LYS A 98 15.87 -2.50 -5.25
C LYS A 98 15.93 -1.84 -6.62
N HIS A 99 14.80 -1.88 -7.35
CA HIS A 99 14.68 -1.22 -8.64
CA HIS A 99 14.74 -1.23 -8.64
C HIS A 99 15.04 0.25 -8.52
N LEU A 100 14.43 0.93 -7.56
CA LEU A 100 14.67 2.36 -7.36
C LEU A 100 16.11 2.62 -6.92
N ALA A 101 16.72 1.69 -6.18
CA ALA A 101 18.14 1.87 -5.81
C ALA A 101 19.01 1.85 -7.05
N HIS A 102 18.78 0.90 -7.93
CA HIS A 102 19.57 0.85 -9.14
C HIS A 102 19.31 2.07 -10.01
N THR A 103 18.05 2.56 -10.02
CA THR A 103 17.73 3.76 -10.79
C THR A 103 18.49 4.94 -10.26
N LEU A 104 18.52 5.10 -8.93
CA LEU A 104 19.26 6.25 -8.39
C LEU A 104 20.74 6.16 -8.73
N LYS A 105 21.33 4.98 -8.55
CA LYS A 105 22.73 4.81 -8.86
C LYS A 105 22.99 5.20 -10.32
N LYS A 106 22.16 4.71 -11.23
CA LYS A 106 22.35 5.06 -12.62
C LYS A 106 22.25 6.57 -12.83
N ALA A 107 21.24 7.19 -12.23
CA ALA A 107 21.04 8.61 -12.42
C ALA A 107 22.32 9.38 -12.12
N VAL A 108 22.91 9.11 -10.95
CA VAL A 108 24.04 9.92 -10.50
C VAL A 108 25.36 9.47 -11.07
N GLN A 109 25.43 8.32 -11.71
CA GLN A 109 26.57 7.89 -12.50
C GLN A 109 26.49 8.43 -13.93
N GLY A 110 25.49 9.25 -14.22
CA GLY A 110 25.35 9.85 -15.53
C GLY A 110 24.87 8.89 -16.59
N LYS A 111 24.20 7.81 -16.19
CA LYS A 111 23.74 6.77 -17.13
C LYS A 111 22.26 6.89 -17.50
N ALA A 112 21.53 7.79 -16.88
CA ALA A 112 20.12 7.89 -17.17
C ALA A 112 19.66 9.30 -16.86
N ALA A 113 19.85 10.23 -17.79
CA ALA A 113 19.62 11.61 -17.44
C ALA A 113 18.16 11.99 -17.38
N SER A 114 17.21 11.08 -17.67
CA SER A 114 15.81 11.36 -17.38
C SER A 114 15.53 11.37 -15.88
N TYR A 115 16.47 10.91 -15.07
CA TYR A 115 16.32 10.81 -13.62
C TYR A 115 17.39 11.68 -12.97
N MET A 116 17.11 12.12 -11.75
CA MET A 116 17.97 13.12 -11.11
C MET A 116 17.61 13.15 -9.64
N ILE A 117 18.43 13.83 -8.85
CA ILE A 117 18.11 14.11 -7.46
C ILE A 117 17.15 15.29 -7.49
N LYS A 118 15.88 15.07 -7.21
CA LYS A 118 14.90 16.16 -7.17
C LYS A 118 14.77 16.67 -5.76
N ASP A 119 14.96 15.79 -4.75
CA ASP A 119 14.80 16.21 -3.34
C ASP A 119 16.13 16.11 -2.62
N ARG A 120 16.91 17.22 -2.68
CA ARG A 120 18.24 17.24 -2.14
C ARG A 120 18.20 17.22 -0.62
N THR A 121 17.19 17.87 -0.04
CA THR A 121 17.02 17.87 1.40
C THR A 121 16.77 16.47 1.92
N LYS A 122 15.86 15.75 1.27
CA LYS A 122 15.60 14.36 1.67
C LYS A 122 16.85 13.48 1.53
N LEU A 123 17.61 13.65 0.43
CA LEU A 123 18.84 12.89 0.27
C LEU A 123 19.77 13.08 1.47
N HIS A 124 20.00 14.31 1.86
CA HIS A 124 20.94 14.56 2.93
C HIS A 124 20.42 14.05 4.26
N SER A 125 19.10 14.13 4.49
CA SER A 125 18.57 13.63 5.76
C SER A 125 18.64 12.12 5.86
N ILE A 126 18.38 11.43 4.76
CA ILE A 126 18.55 9.98 4.74
C ILE A 126 20.02 9.62 4.96
N ALA A 127 20.93 10.27 4.23
CA ALA A 127 22.36 10.06 4.46
C ALA A 127 22.73 10.25 5.92
N LYS A 128 22.23 11.30 6.53
CA LYS A 128 22.53 11.54 7.94
C LYS A 128 21.99 10.42 8.83
N ARG A 129 20.77 9.97 8.55
CA ARG A 129 20.16 8.87 9.31
C ARG A 129 20.98 7.59 9.21
N LEU A 130 21.60 7.35 8.04
CA LEU A 130 22.34 6.11 7.82
C LEU A 130 23.79 6.21 8.28
N GLY A 131 24.22 7.40 8.65
CA GLY A 131 25.60 7.61 9.02
C GLY A 131 26.52 7.94 7.87
N ILE A 132 26.00 8.39 6.73
CA ILE A 132 26.83 8.65 5.56
C ILE A 132 27.25 10.12 5.61
N PRO A 133 28.55 10.43 5.55
CA PRO A 133 28.98 11.84 5.66
C PRO A 133 28.50 12.64 4.47
N THR A 134 28.05 13.86 4.75
CA THR A 134 27.63 14.78 3.69
C THR A 134 28.51 16.01 3.60
N GLU A 135 29.14 16.41 4.70
CA GLU A 135 29.98 17.61 4.69
C GLU A 135 31.07 17.49 3.64
N GLY A 136 31.13 18.49 2.76
CA GLY A 136 32.12 18.52 1.73
C GLY A 136 31.96 17.55 0.58
N GLN A 137 30.83 16.84 0.50
CA GLN A 137 30.62 15.86 -0.55
C GLN A 137 29.73 16.37 -1.66
N LYS A 138 30.02 15.95 -2.89
CA LYS A 138 29.12 16.20 -4.00
C LYS A 138 27.82 15.46 -3.71
N ASP A 139 26.69 16.08 -4.05
CA ASP A 139 25.41 15.37 -3.92
C ASP A 139 25.42 14.01 -4.64
N GLU A 140 26.04 13.95 -5.81
CA GLU A 140 26.05 12.70 -6.56
C GLU A 140 26.79 11.62 -5.79
N ASP A 141 27.83 12.01 -5.05
CA ASP A 141 28.57 11.02 -4.25
C ASP A 141 27.77 10.59 -3.01
N ILE A 142 27.07 11.52 -2.37
CA ILE A 142 26.23 11.16 -1.23
C ILE A 142 25.18 10.19 -1.70
N ALA A 143 24.56 10.49 -2.84
CA ALA A 143 23.54 9.60 -3.39
C ALA A 143 24.11 8.25 -3.76
N LEU A 144 25.32 8.21 -4.27
CA LEU A 144 25.89 6.91 -4.61
C LEU A 144 26.04 6.10 -3.34
N GLU A 145 26.44 6.75 -2.25
CA GLU A 145 26.59 6.06 -0.98
C GLU A 145 25.25 5.59 -0.46
N VAL A 146 24.20 6.42 -0.65
CA VAL A 146 22.87 6.02 -0.19
C VAL A 146 22.37 4.83 -0.99
N ALA A 147 22.63 4.82 -2.30
CA ALA A 147 22.16 3.70 -3.09
C ALA A 147 22.97 2.44 -2.80
N LYS A 148 24.28 2.60 -2.54
CA LYS A 148 25.06 1.44 -2.12
C LYS A 148 24.54 0.89 -0.79
N ALA A 149 24.21 1.76 0.14
CA ALA A 149 23.72 1.29 1.41
C ALA A 149 22.41 0.55 1.23
N ALA A 150 21.54 1.09 0.36
CA ALA A 150 20.28 0.43 0.07
C ALA A 150 20.52 -0.98 -0.44
N LEU A 151 21.39 -1.11 -1.44
CA LEU A 151 21.67 -2.43 -1.98
C LEU A 151 22.27 -3.34 -0.92
N ALA A 152 23.11 -2.80 -0.04
CA ALA A 152 23.78 -3.62 0.96
C ALA A 152 22.80 -4.21 1.97
N ASP A 153 21.66 -3.54 2.22
CA ASP A 153 20.69 -4.08 3.17
C ASP A 153 20.01 -5.32 2.64
N PHE A 154 20.23 -5.72 1.37
CA PHE A 154 19.61 -6.95 0.90
C PHE A 154 20.34 -8.21 1.34
N HIS A 155 21.57 -8.11 1.80
CA HIS A 155 22.42 -9.27 2.10
C HIS A 155 23.03 -9.08 3.48
N GLU A 156 23.58 -10.17 4.00
CA GLU A 156 24.30 -10.10 5.27
C GLU A 156 25.51 -9.21 5.13
N LYS A 157 25.85 -8.55 6.22
CA LYS A 157 27.04 -7.69 6.28
C LYS A 157 27.36 -7.47 7.76
N ASP A 158 28.26 -6.52 8.06
CA ASP A 158 28.67 -6.28 9.44
CA ASP A 158 28.66 -6.30 9.44
C ASP A 158 27.59 -5.58 10.26
N THR A 159 26.59 -4.99 9.64
CA THR A 159 25.49 -4.36 10.33
C THR A 159 24.19 -5.08 9.94
N PRO A 160 23.18 -4.98 10.77
CA PRO A 160 21.85 -5.48 10.39
C PRO A 160 21.23 -4.57 9.34
N VAL A 161 19.97 -4.81 9.00
CA VAL A 161 19.29 -4.00 7.99
C VAL A 161 19.07 -2.60 8.57
N LEU A 162 19.74 -1.60 7.97
CA LEU A 162 19.70 -0.24 8.48
C LEU A 162 18.34 0.40 8.24
N TRP A 163 17.64 -0.01 7.19
CA TRP A 163 16.30 0.51 6.95
C TRP A 163 15.28 -0.11 7.89
N VAL A 164 15.74 -0.93 8.86
CA VAL A 164 14.98 -1.19 10.09
C VAL A 164 15.58 -0.45 11.29
N THR A 165 16.86 -0.68 11.57
CA THR A 165 17.41 -0.23 12.86
C THR A 165 17.53 1.27 12.97
N THR A 166 17.56 1.99 11.85
CA THR A 166 17.70 3.44 11.92
C THR A 166 16.36 4.17 11.79
N VAL A 167 15.26 3.42 11.64
CA VAL A 167 13.96 4.06 11.45
C VAL A 167 12.99 3.83 12.59
N LEU A 168 13.28 2.93 13.50
CA LEU A 168 12.50 2.73 14.73
C LEU A 168 13.23 3.26 15.93
N PRO A 169 12.49 3.61 16.98
CA PRO A 169 13.13 4.08 18.23
C PRO A 169 14.13 3.06 18.74
N PRO A 170 15.25 3.51 19.32
CA PRO A 170 16.18 2.56 19.96
C PRO A 170 15.50 1.57 20.89
N SER A 171 14.53 2.01 21.71
CA SER A 171 13.90 1.06 22.62
C SER A 171 13.18 -0.07 21.87
N ARG A 172 12.57 0.25 20.75
CA ARG A 172 11.93 -0.76 19.92
C ARG A 172 12.96 -1.68 19.29
N VAL A 173 14.07 -1.11 18.80
CA VAL A 173 15.14 -1.95 18.26
C VAL A 173 15.64 -2.91 19.32
N LYS A 174 15.75 -2.42 20.55
CA LYS A 174 16.26 -3.25 21.63
C LYS A 174 15.31 -4.40 21.90
N VAL A 175 14.00 -4.12 21.95
CA VAL A 175 13.04 -5.20 22.21
C VAL A 175 13.13 -6.24 21.11
N LEU A 176 13.18 -5.79 19.86
CA LEU A 176 13.22 -6.71 18.72
C LEU A 176 14.51 -7.50 18.72
N SER A 177 15.65 -6.85 19.02
CA SER A 177 16.92 -7.58 19.05
CA SER A 177 16.91 -7.59 19.03
C SER A 177 16.90 -8.66 20.09
N ALA A 178 16.24 -8.41 21.23
CA ALA A 178 16.25 -9.34 22.34
C ALA A 178 15.55 -10.61 21.96
N HIS A 179 14.59 -10.52 21.04
CA HIS A 179 13.84 -11.67 20.53
C HIS A 179 14.41 -12.20 19.22
N GLY A 180 15.53 -11.63 18.77
CA GLY A 180 16.17 -12.12 17.57
C GLY A 180 15.42 -11.76 16.31
N LEU A 181 14.69 -10.66 16.34
CA LEU A 181 13.81 -10.33 15.23
C LEU A 181 14.34 -9.32 14.24
N ILE A 182 15.50 -8.74 14.48
CA ILE A 182 16.03 -7.74 13.54
C ILE A 182 16.56 -8.50 12.32
N PRO A 183 16.10 -8.18 11.13
CA PRO A 183 16.62 -8.87 9.95
C PRO A 183 18.09 -8.64 9.65
N ALA A 184 18.75 -9.68 9.16
CA ALA A 184 20.16 -9.59 8.83
C ALA A 184 20.39 -9.06 7.43
N GLY A 185 19.44 -9.25 6.52
CA GLY A 185 19.49 -8.80 5.16
C GLY A 185 18.13 -9.11 4.53
N ILE A 186 17.64 -8.26 3.63
CA ILE A 186 16.29 -8.44 3.12
C ILE A 186 16.11 -9.74 2.33
N ASP A 187 16.94 -9.95 1.31
CA ASP A 187 16.80 -11.18 0.53
C ASP A 187 17.31 -12.37 1.32
N HIS A 188 18.23 -12.15 2.24
CA HIS A 188 18.65 -13.22 3.14
C HIS A 188 17.46 -13.78 3.92
N GLU A 189 16.63 -12.91 4.51
CA GLU A 189 15.48 -13.38 5.25
C GLU A 189 14.47 -14.07 4.36
N ILE A 190 14.23 -13.54 3.16
CA ILE A 190 13.27 -14.17 2.27
C ILE A 190 13.73 -15.59 1.99
N ALA A 191 15.02 -15.76 1.65
CA ALA A 191 15.50 -17.11 1.36
C ALA A 191 15.45 -17.99 2.61
N GLU A 192 15.78 -17.45 3.80
CA GLU A 192 15.73 -18.31 4.98
C GLU A 192 14.32 -18.75 5.28
N ILE A 193 13.30 -17.91 4.99
CA ILE A 193 11.93 -18.37 5.16
C ILE A 193 11.62 -19.54 4.23
N MET A 194 12.02 -19.41 2.95
CA MET A 194 11.71 -20.43 1.96
C MET A 194 12.40 -21.75 2.36
N HIS A 195 13.63 -21.67 2.86
CA HIS A 195 14.35 -22.82 3.41
C HIS A 195 13.63 -23.40 4.60
N ARG A 196 13.41 -22.61 5.65
CA ARG A 196 12.90 -23.17 6.89
C ARG A 196 11.51 -23.78 6.73
N THR A 197 10.75 -23.28 5.74
CA THR A 197 9.40 -23.75 5.51
C THR A 197 9.35 -24.93 4.55
N SER A 198 10.45 -25.28 3.90
CA SER A 198 10.45 -26.44 3.00
C SER A 198 10.37 -27.73 3.84
N MET A 199 10.12 -28.84 3.17
CA MET A 199 9.81 -30.07 3.85
C MET A 199 10.99 -30.49 4.73
N GLY A 200 10.65 -30.93 5.93
CA GLY A 200 11.65 -31.53 6.77
C GLY A 200 12.56 -30.55 7.46
N CYS A 201 12.11 -29.29 7.62
CA CYS A 201 12.92 -28.26 8.24
C CYS A 201 12.18 -27.79 9.51
N ASP A 202 11.84 -26.49 9.61
CA ASP A 202 11.36 -25.98 10.87
C ASP A 202 9.94 -26.52 11.05
N ALA A 203 9.66 -26.98 12.28
CA ALA A 203 8.43 -27.68 12.61
C ALA A 203 8.07 -27.35 14.06
N ASP A 204 8.12 -26.07 14.37
CA ASP A 204 7.71 -25.60 15.69
C ASP A 204 7.01 -24.28 15.40
N ALA A 205 5.76 -24.15 15.78
CA ALA A 205 4.98 -22.99 15.37
C ALA A 205 5.59 -21.70 15.87
N GLN A 206 5.98 -21.65 17.15
CA GLN A 206 6.55 -20.42 17.70
C GLN A 206 7.84 -20.03 16.98
N ASN A 207 8.68 -21.02 16.70
CA ASN A 207 9.91 -20.74 15.98
C ASN A 207 9.62 -20.22 14.57
N LEU A 208 8.67 -20.88 13.88
CA LEU A 208 8.33 -20.46 12.53
C LEU A 208 7.83 -19.03 12.54
N LEU A 209 6.94 -18.74 13.50
CA LEU A 209 6.30 -17.42 13.50
C LEU A 209 7.27 -16.32 13.88
N LEU A 210 8.22 -16.60 14.74
CA LEU A 210 9.27 -15.63 15.03
C LEU A 210 10.02 -15.33 13.74
N GLY A 211 10.28 -16.37 12.93
CA GLY A 211 10.92 -16.10 11.66
C GLY A 211 10.09 -15.20 10.76
N GLY A 212 8.77 -15.41 10.78
CA GLY A 212 7.88 -14.57 10.01
C GLY A 212 7.91 -13.14 10.45
N LEU A 213 7.91 -12.90 11.77
CA LEU A 213 8.00 -11.54 12.26
C LEU A 213 9.28 -10.89 11.77
N ARG A 214 10.39 -11.59 11.83
CA ARG A 214 11.62 -11.01 11.33
C ARG A 214 11.54 -10.74 9.84
N CYS A 215 10.96 -11.66 9.09
CA CYS A 215 10.84 -11.41 7.65
C CYS A 215 9.88 -10.24 7.38
N SER A 216 8.89 -10.05 8.23
CA SER A 216 8.03 -8.89 8.03
C SER A 216 8.80 -7.57 8.22
N LEU A 217 9.80 -7.57 9.10
CA LEU A 217 10.64 -6.35 9.22
C LEU A 217 11.50 -6.13 7.99
N ALA A 218 11.93 -7.20 7.30
CA ALA A 218 12.54 -7.06 6.00
C ALA A 218 11.59 -6.42 4.99
N ASP A 219 10.30 -6.75 5.07
CA ASP A 219 9.29 -6.05 4.25
C ASP A 219 9.21 -4.58 4.61
N LEU A 220 9.19 -4.27 5.89
CA LEU A 220 9.15 -2.87 6.32
C LEU A 220 10.33 -2.11 5.78
N ALA A 221 11.51 -2.71 5.88
CA ALA A 221 12.70 -2.08 5.35
C ALA A 221 12.57 -1.79 3.87
N GLY A 222 12.03 -2.75 3.09
CA GLY A 222 11.81 -2.53 1.66
C GLY A 222 10.84 -1.40 1.41
N CYS A 223 9.77 -1.32 2.20
CA CYS A 223 8.80 -0.26 2.04
C CYS A 223 9.47 1.10 2.33
N TYR A 224 10.20 1.18 3.43
CA TYR A 224 10.82 2.46 3.82
C TYR A 224 11.88 2.88 2.82
N MET A 225 12.67 1.92 2.39
CA MET A 225 13.68 2.18 1.35
C MET A 225 13.00 2.69 0.08
N GLY A 226 11.92 2.03 -0.35
CA GLY A 226 11.20 2.46 -1.54
C GLY A 226 10.69 3.88 -1.47
N THR A 227 10.09 4.25 -0.35
CA THR A 227 9.59 5.62 -0.17
C THR A 227 10.75 6.59 -0.15
N ASP A 228 11.81 6.29 0.59
CA ASP A 228 13.01 7.15 0.67
C ASP A 228 13.57 7.38 -0.72
N LEU A 229 13.79 6.33 -1.51
CA LEU A 229 14.42 6.49 -2.82
C LEU A 229 13.49 7.19 -3.80
N ALA A 230 12.20 6.91 -3.74
CA ALA A 230 11.26 7.57 -4.66
C ALA A 230 11.15 9.03 -4.34
N ASP A 231 11.25 9.39 -3.05
CA ASP A 231 11.20 10.83 -2.73
C ASP A 231 12.46 11.55 -3.21
N ILE A 232 13.65 10.92 -3.09
CA ILE A 232 14.86 11.55 -3.60
C ILE A 232 14.70 11.80 -5.08
N LEU A 233 14.27 10.77 -5.81
CA LEU A 233 14.23 10.84 -7.27
C LEU A 233 13.09 11.71 -7.77
N PHE A 234 11.93 11.66 -7.12
CA PHE A 234 10.73 12.24 -7.73
C PHE A 234 10.15 13.38 -6.95
N GLY A 235 10.65 13.63 -5.73
CA GLY A 235 10.18 14.67 -4.84
C GLY A 235 9.32 14.13 -3.70
N THR A 236 9.47 14.74 -2.52
CA THR A 236 8.63 14.39 -1.43
C THR A 236 7.25 14.99 -1.61
N PRO A 237 6.17 14.23 -1.43
CA PRO A 237 4.82 14.83 -1.62
C PRO A 237 4.57 15.99 -0.68
N ALA A 238 3.75 16.90 -1.19
CA ALA A 238 3.17 18.01 -0.44
C ALA A 238 1.70 18.10 -0.82
N PRO A 239 0.90 18.80 -0.04
CA PRO A 239 -0.53 18.83 -0.33
C PRO A 239 -0.86 19.17 -1.77
N VAL A 240 -1.82 18.42 -2.29
CA VAL A 240 -2.25 18.55 -3.68
CA VAL A 240 -2.25 18.50 -3.68
C VAL A 240 -3.76 18.31 -3.72
N VAL A 241 -4.38 18.88 -4.75
CA VAL A 241 -5.82 18.76 -4.95
CA VAL A 241 -5.82 18.72 -4.94
C VAL A 241 -6.05 18.10 -6.31
N THR A 242 -6.87 17.06 -6.32
CA THR A 242 -7.18 16.41 -7.58
C THR A 242 -8.56 15.79 -7.49
N GLU A 243 -8.80 14.76 -8.29
CA GLU A 243 -10.10 14.09 -8.32
C GLU A 243 -9.88 12.58 -8.39
N SER A 244 -10.94 11.84 -8.10
CA SER A 244 -10.91 10.38 -8.24
C SER A 244 -12.21 9.82 -8.76
N ASN A 245 -12.09 8.60 -9.28
CA ASN A 245 -13.17 7.77 -9.82
C ASN A 245 -13.29 7.87 -11.34
N LEU A 246 -14.13 7.04 -11.93
CA LEU A 246 -14.05 6.84 -13.38
C LEU A 246 -14.39 8.10 -14.16
N GLY A 247 -15.17 9.03 -13.57
CA GLY A 247 -15.48 10.31 -14.23
C GLY A 247 -14.28 11.18 -14.51
N VAL A 248 -13.08 10.79 -14.05
CA VAL A 248 -11.85 11.51 -14.44
C VAL A 248 -11.38 11.16 -15.85
N LEU A 249 -11.93 10.10 -16.44
CA LEU A 249 -11.66 9.83 -17.84
C LEU A 249 -12.43 10.85 -18.66
N LYS A 250 -11.87 11.15 -19.83
CA LYS A 250 -12.44 12.17 -20.72
C LYS A 250 -12.55 11.61 -22.11
N ALA A 251 -13.79 11.57 -22.63
CA ALA A 251 -14.03 10.93 -23.91
C ALA A 251 -13.21 11.57 -25.01
N ASP A 252 -12.95 12.87 -24.92
CA ASP A 252 -12.30 13.58 -26.00
C ASP A 252 -10.80 13.66 -25.84
N ALA A 253 -10.22 12.92 -24.91
CA ALA A 253 -8.80 12.96 -24.71
C ALA A 253 -8.25 11.55 -24.90
N VAL A 254 -6.93 11.45 -25.06
CA VAL A 254 -6.25 10.15 -24.98
C VAL A 254 -6.15 9.75 -23.50
N ASN A 255 -6.87 8.71 -23.08
CA ASN A 255 -6.85 8.33 -21.70
C ASN A 255 -5.81 7.24 -21.51
N VAL A 256 -4.85 7.52 -20.65
CA VAL A 256 -3.74 6.63 -20.39
C VAL A 256 -3.68 6.35 -18.90
N ALA A 257 -3.86 5.09 -18.52
CA ALA A 257 -3.76 4.70 -17.13
C ALA A 257 -2.35 4.19 -16.87
N VAL A 258 -1.77 4.64 -15.77
CA VAL A 258 -0.56 4.06 -15.23
C VAL A 258 -0.97 3.14 -14.10
N HIS A 259 -0.47 1.90 -14.09
CA HIS A 259 -1.03 0.88 -13.22
C HIS A 259 0.09 -0.05 -12.79
N GLY A 260 0.07 -0.46 -11.54
CA GLY A 260 1.15 -1.22 -10.95
C GLY A 260 1.57 -0.52 -9.67
N HIS A 261 2.89 -0.48 -9.40
CA HIS A 261 3.41 -0.01 -8.12
CA HIS A 261 3.41 -0.02 -8.12
C HIS A 261 4.60 0.92 -8.21
N ASN A 262 5.53 0.60 -9.10
CA ASN A 262 6.78 1.32 -9.13
CA ASN A 262 6.80 1.30 -9.14
C ASN A 262 6.67 2.46 -10.11
N PRO A 263 6.83 3.69 -9.66
CA PRO A 263 6.64 4.87 -10.52
C PRO A 263 7.86 5.25 -11.36
N VAL A 264 8.93 4.44 -11.36
CA VAL A 264 10.12 4.80 -12.11
C VAL A 264 9.76 5.10 -13.55
N LEU A 265 8.80 4.35 -14.13
CA LEU A 265 8.46 4.76 -15.51
C LEU A 265 7.25 5.71 -15.54
N SER A 266 6.28 5.50 -14.67
CA SER A 266 5.06 6.28 -14.65
CA SER A 266 5.10 6.33 -14.80
C SER A 266 5.33 7.76 -14.37
N ASP A 267 6.34 8.05 -13.54
CA ASP A 267 6.70 9.43 -13.32
C ASP A 267 7.16 10.08 -14.61
N ILE A 268 7.89 9.31 -15.43
CA ILE A 268 8.33 9.77 -16.73
C ILE A 268 7.16 9.89 -17.70
N ILE A 269 6.23 8.93 -17.66
CA ILE A 269 5.06 9.04 -18.52
C ILE A 269 4.36 10.38 -18.28
N VAL A 270 4.24 10.75 -17.00
CA VAL A 270 3.53 11.98 -16.66
C VAL A 270 4.20 13.18 -17.31
N SER A 271 5.54 13.24 -17.23
CA SER A 271 6.32 14.33 -17.83
C SER A 271 6.17 14.39 -19.35
N VAL A 272 6.43 13.26 -20.00
CA VAL A 272 6.46 13.23 -21.47
C VAL A 272 5.06 13.51 -22.03
N SER A 273 4.02 13.02 -21.36
CA SER A 273 2.66 13.20 -21.85
CA SER A 273 2.65 13.20 -21.87
C SER A 273 2.34 14.67 -22.09
N LYS A 274 2.86 15.54 -21.23
CA LYS A 274 2.58 16.97 -21.39
C LYS A 274 3.31 17.56 -22.58
N GLU A 275 4.44 16.99 -22.93
CA GLU A 275 5.24 17.54 -24.04
C GLU A 275 4.72 16.94 -25.35
N MET A 276 3.79 16.00 -25.29
CA MET A 276 3.15 15.46 -26.49
C MET A 276 1.73 15.96 -26.67
N GLU A 277 1.35 17.00 -25.94
CA GLU A 277 -0.01 17.52 -26.04
C GLU A 277 -0.37 17.92 -27.47
N ASN A 278 0.59 18.48 -28.22
CA ASN A 278 0.32 18.92 -29.60
C ASN A 278 0.26 17.75 -30.57
N GLU A 279 1.10 16.74 -30.38
CA GLU A 279 0.98 15.51 -31.14
C GLU A 279 -0.35 14.81 -30.83
N ALA A 280 -0.79 14.83 -29.57
CA ALA A 280 -2.13 14.33 -29.25
C ALA A 280 -3.21 15.13 -30.00
N ARG A 281 -3.07 16.45 -30.07
CA ARG A 281 -4.07 17.25 -30.76
C ARG A 281 -4.13 16.96 -32.26
N ALA A 282 -2.98 16.73 -32.88
CA ALA A 282 -2.98 16.44 -34.31
C ALA A 282 -3.78 15.19 -34.65
N ALA A 283 -3.95 14.31 -33.68
CA ALA A 283 -4.68 13.06 -33.84
C ALA A 283 -6.13 13.22 -33.45
N GLY A 284 -6.57 14.45 -33.17
CA GLY A 284 -7.95 14.71 -32.83
C GLY A 284 -8.35 14.67 -31.36
N ALA A 285 -7.39 14.57 -30.43
CA ALA A 285 -7.71 14.60 -29.01
C ALA A 285 -7.49 15.99 -28.46
N THR A 286 -8.02 16.24 -27.26
CA THR A 286 -7.71 17.51 -26.60
C THR A 286 -6.32 17.52 -26.00
N GLY A 287 -5.76 16.35 -25.72
CA GLY A 287 -4.57 16.24 -24.90
C GLY A 287 -4.46 14.80 -24.48
N ILE A 288 -3.39 14.50 -23.75
CA ILE A 288 -3.22 13.20 -23.11
C ILE A 288 -3.64 13.35 -21.67
N ASN A 289 -4.58 12.49 -21.25
CA ASN A 289 -5.16 12.51 -19.91
C ASN A 289 -4.58 11.29 -19.19
N VAL A 290 -3.49 11.50 -18.48
CA VAL A 290 -2.90 10.43 -17.65
C VAL A 290 -3.74 10.28 -16.39
N VAL A 291 -4.13 9.05 -16.09
CA VAL A 291 -4.90 8.77 -14.90
C VAL A 291 -4.23 7.60 -14.19
N GLY A 292 -4.52 7.48 -12.91
CA GLY A 292 -3.90 6.45 -12.09
C GLY A 292 -4.80 5.27 -11.82
N ILE A 293 -4.20 4.10 -11.72
CA ILE A 293 -4.81 2.93 -11.11
C ILE A 293 -3.83 2.37 -10.12
N CSO A 294 -4.38 1.93 -8.98
CA CSO A 294 -3.60 1.26 -7.95
CA CSO A 294 -3.53 1.22 -8.03
CB CSO A 294 -3.16 -0.13 -8.42
CB CSO A 294 -2.91 0.01 -8.69
SG CSO A 294 -4.56 -1.30 -8.44
SG CSO A 294 -2.82 -1.37 -7.51
C CSO A 294 -2.42 2.14 -7.48
O CSO A 294 -2.51 3.38 -7.50
OD CSO A 294 -4.16 -2.84 -7.78
HA CSO A 294 -4.18 1.13 -7.17
HA CSO A 294 -4.08 0.92 -7.27
HB2 CSO A 294 -2.48 -0.48 -7.83
HB2 CSO A 294 -2.01 0.22 -8.99
HB3 CSO A 294 -2.80 -0.04 -9.32
HB3 CSO A 294 -3.47 -0.26 -9.44
N CYS A 295 -1.34 1.49 -7.05
N CYS A 295 -1.34 1.53 -7.03
CA CYS A 295 -0.33 2.22 -6.30
CA CYS A 295 -0.39 2.34 -6.30
C CYS A 295 0.50 3.16 -7.15
C CYS A 295 0.54 3.17 -7.15
N THR A 296 0.83 2.77 -8.38
CA THR A 296 1.57 3.67 -9.26
C THR A 296 0.72 4.93 -9.46
N GLY A 297 -0.61 4.73 -9.56
CA GLY A 297 -1.52 5.89 -9.56
C GLY A 297 -1.41 6.71 -8.29
N ASN A 298 -1.35 6.07 -7.15
CA ASN A 298 -1.15 6.85 -5.92
C ASN A 298 0.14 7.63 -5.95
N GLU A 299 1.21 7.05 -6.49
CA GLU A 299 2.49 7.74 -6.49
C GLU A 299 2.38 9.05 -7.27
N VAL A 300 1.76 8.98 -8.47
CA VAL A 300 1.66 10.18 -9.32
C VAL A 300 0.58 11.12 -8.84
N LEU A 301 -0.42 10.60 -8.14
CA LEU A 301 -1.38 11.48 -7.45
C LEU A 301 -0.69 12.28 -6.38
N MET A 302 0.08 11.61 -5.51
CA MET A 302 0.72 12.30 -4.39
C MET A 302 1.75 13.32 -4.84
N ARG A 303 2.47 13.06 -5.94
CA ARG A 303 3.53 13.97 -6.34
C ARG A 303 3.06 14.99 -7.35
N HIS A 304 2.07 14.69 -8.19
CA HIS A 304 1.73 15.52 -9.32
C HIS A 304 0.26 15.81 -9.44
N GLY A 305 -0.57 15.30 -8.56
CA GLY A 305 -1.99 15.59 -8.70
C GLY A 305 -2.67 14.87 -9.83
N ILE A 306 -2.07 13.78 -10.33
CA ILE A 306 -2.74 13.02 -11.39
C ILE A 306 -3.99 12.41 -10.79
N PRO A 307 -5.16 12.52 -11.43
CA PRO A 307 -6.39 11.96 -10.87
C PRO A 307 -6.36 10.44 -10.88
N ALA A 308 -6.98 9.87 -9.89
CA ALA A 308 -7.04 8.42 -9.76
C ALA A 308 -8.35 7.89 -10.37
N CYS A 309 -8.21 7.05 -11.37
CA CYS A 309 -9.35 6.45 -12.08
C CYS A 309 -10.05 5.40 -11.21
N THR A 310 -9.32 4.38 -10.74
CA THR A 310 -9.92 3.34 -9.91
C THR A 310 -8.79 2.56 -9.27
N HIS A 311 -9.17 1.50 -8.53
CA HIS A 311 -8.26 0.75 -7.69
C HIS A 311 -8.63 -0.72 -7.68
N SER A 312 -7.63 -1.53 -7.46
CA SER A 312 -7.80 -2.87 -6.95
C SER A 312 -8.83 -3.67 -7.68
N VAL A 313 -9.80 -4.17 -6.95
CA VAL A 313 -10.72 -5.15 -7.51
C VAL A 313 -11.50 -4.64 -8.69
N SER A 314 -11.74 -3.33 -8.79
CA SER A 314 -12.50 -2.78 -9.90
C SER A 314 -11.69 -2.32 -11.08
N GLN A 315 -10.37 -2.65 -11.12
CA GLN A 315 -9.53 -2.11 -12.19
C GLN A 315 -10.05 -2.40 -13.57
N GLU A 316 -10.71 -3.54 -13.81
CA GLU A 316 -11.17 -3.83 -15.18
C GLU A 316 -12.24 -2.86 -15.65
N MET A 317 -12.91 -2.21 -14.70
CA MET A 317 -14.04 -1.35 -15.03
C MET A 317 -13.59 -0.13 -15.80
N ALA A 318 -12.38 0.34 -15.57
CA ALA A 318 -11.87 1.48 -16.35
C ALA A 318 -11.85 1.13 -17.83
N MET A 319 -11.51 -0.12 -18.17
CA MET A 319 -11.51 -0.54 -19.56
C MET A 319 -12.93 -0.65 -20.12
N ILE A 320 -13.89 -1.08 -19.29
CA ILE A 320 -15.27 -1.27 -19.76
C ILE A 320 -15.88 0.02 -20.28
N THR A 321 -15.37 1.19 -19.84
CA THR A 321 -15.93 2.43 -20.34
C THR A 321 -15.82 2.55 -21.85
N GLY A 322 -14.83 1.89 -22.47
CA GLY A 322 -14.54 2.08 -23.87
C GLY A 322 -13.62 3.23 -24.16
N ALA A 323 -13.27 4.01 -23.14
CA ALA A 323 -12.48 5.21 -23.38
C ALA A 323 -11.04 5.07 -22.90
N LEU A 324 -10.61 3.88 -22.44
CA LEU A 324 -9.25 3.72 -21.92
C LEU A 324 -8.35 3.29 -23.07
N ASP A 325 -7.54 4.22 -23.57
CA ASP A 325 -6.75 3.98 -24.79
C ASP A 325 -5.51 3.17 -24.48
N ALA A 326 -4.94 3.34 -23.30
CA ALA A 326 -3.79 2.52 -22.92
C ALA A 326 -3.78 2.30 -21.43
N MET A 327 -3.24 1.16 -21.06
CA MET A 327 -3.01 0.81 -19.68
C MET A 327 -1.53 0.39 -19.62
N ILE A 328 -0.73 1.14 -18.88
CA ILE A 328 0.73 0.97 -18.87
C ILE A 328 1.11 0.33 -17.57
N LEU A 329 1.63 -0.90 -17.65
CA LEU A 329 1.79 -1.77 -16.49
C LEU A 329 3.26 -1.89 -16.10
N ASP A 330 3.50 -1.95 -14.78
CA ASP A 330 4.79 -2.36 -14.26
C ASP A 330 4.56 -3.70 -13.60
N TYR A 331 4.37 -3.78 -12.29
CA TYR A 331 4.15 -5.06 -11.62
C TYR A 331 3.33 -4.85 -10.37
N GLN A 332 2.69 -5.97 -9.93
CA GLN A 332 1.97 -6.19 -8.67
C GLN A 332 0.53 -5.71 -8.80
N CYS A 333 -0.41 -6.59 -8.41
CA CYS A 333 -1.82 -6.26 -8.25
C CYS A 333 -2.54 -5.98 -9.56
N ILE A 334 -1.95 -6.32 -10.68
CA ILE A 334 -2.57 -6.21 -11.98
C ILE A 334 -3.27 -7.52 -12.31
N GLN A 335 -4.57 -7.47 -12.43
CA GLN A 335 -5.33 -8.66 -12.77
C GLN A 335 -4.94 -9.05 -14.17
N PRO A 336 -4.43 -10.27 -14.41
CA PRO A 336 -4.05 -10.62 -15.78
C PRO A 336 -5.20 -10.67 -16.75
N SER A 337 -6.43 -10.69 -16.26
CA SER A 337 -7.59 -10.58 -17.13
C SER A 337 -7.55 -9.35 -17.99
N VAL A 338 -6.84 -8.29 -17.57
CA VAL A 338 -6.82 -7.06 -18.39
C VAL A 338 -6.34 -7.37 -19.82
N ALA A 339 -5.43 -8.35 -20.00
CA ALA A 339 -4.93 -8.61 -21.33
C ALA A 339 -5.98 -9.21 -22.24
N THR A 340 -6.92 -10.00 -21.68
CA THR A 340 -7.99 -10.57 -22.50
CA THR A 340 -7.96 -10.55 -22.54
C THR A 340 -9.12 -9.57 -22.69
N ILE A 341 -9.47 -8.83 -21.65
CA ILE A 341 -10.54 -7.82 -21.75
C ILE A 341 -10.17 -6.82 -22.80
N ALA A 342 -8.88 -6.56 -22.97
CA ALA A 342 -8.49 -5.46 -23.87
C ALA A 342 -8.92 -5.75 -25.31
N GLU A 343 -9.01 -7.03 -25.67
CA GLU A 343 -9.46 -7.37 -27.02
C GLU A 343 -10.91 -6.97 -27.23
N CYS A 344 -11.74 -6.96 -26.19
CA CYS A 344 -13.13 -6.55 -26.31
C CYS A 344 -13.33 -5.05 -26.08
N THR A 345 -12.42 -4.39 -25.40
CA THR A 345 -12.63 -2.97 -25.10
C THR A 345 -11.82 -2.02 -25.97
N GLY A 346 -10.84 -2.50 -26.72
CA GLY A 346 -10.03 -1.60 -27.52
C GLY A 346 -8.86 -0.96 -26.80
N THR A 347 -8.58 -1.36 -25.60
CA THR A 347 -7.48 -0.79 -24.85
C THR A 347 -6.17 -1.46 -25.24
N THR A 348 -5.13 -0.66 -25.34
CA THR A 348 -3.79 -1.20 -25.51
C THR A 348 -3.18 -1.39 -24.13
N VAL A 349 -2.96 -2.65 -23.76
CA VAL A 349 -2.32 -3.03 -22.51
C VAL A 349 -0.84 -3.30 -22.79
N ILE A 350 0.02 -2.59 -22.07
CA ILE A 350 1.46 -2.56 -22.32
C ILE A 350 2.18 -2.94 -21.03
N THR A 351 2.98 -3.99 -21.10
CA THR A 351 3.90 -4.35 -20.02
C THR A 351 5.25 -3.68 -20.32
N THR A 352 6.02 -3.49 -19.26
CA THR A 352 7.26 -2.73 -19.34
C THR A 352 8.41 -3.32 -18.55
N MET A 353 8.16 -4.32 -17.68
CA MET A 353 9.20 -4.89 -16.82
CA MET A 353 9.18 -4.89 -16.80
C MET A 353 9.46 -6.33 -17.22
N GLU A 354 10.74 -6.70 -17.28
CA GLU A 354 11.10 -8.01 -17.80
C GLU A 354 10.50 -9.13 -16.98
N MET A 355 10.36 -8.95 -15.67
CA MET A 355 9.88 -10.03 -14.85
C MET A 355 8.37 -9.97 -14.65
N SER A 356 7.63 -9.18 -15.44
CA SER A 356 6.18 -9.17 -15.31
C SER A 356 5.56 -8.94 -16.69
N LYS A 357 5.33 -10.03 -17.40
CA LYS A 357 4.72 -10.02 -18.72
C LYS A 357 3.37 -10.70 -18.61
N ILE A 358 2.48 -10.39 -19.55
CA ILE A 358 1.16 -11.02 -19.56
C ILE A 358 0.88 -11.46 -20.98
N THR A 359 0.59 -12.76 -21.16
CA THR A 359 0.37 -13.27 -22.52
C THR A 359 -0.74 -12.45 -23.18
N GLY A 360 -0.47 -11.98 -24.38
CA GLY A 360 -1.41 -11.21 -25.14
C GLY A 360 -1.27 -9.73 -25.01
N ALA A 361 -0.46 -9.24 -24.06
CA ALA A 361 -0.21 -7.82 -23.96
C ALA A 361 0.99 -7.46 -24.81
N THR A 362 1.09 -6.21 -25.18
CA THR A 362 2.26 -5.75 -25.91
C THR A 362 3.32 -5.43 -24.89
N HIS A 363 4.54 -5.87 -25.13
CA HIS A 363 5.66 -5.60 -24.23
C HIS A 363 6.59 -4.52 -24.81
N VAL A 364 6.85 -3.48 -24.01
CA VAL A 364 7.87 -2.45 -24.31
C VAL A 364 8.97 -2.54 -23.26
N ASN A 365 10.17 -2.89 -23.69
CA ASN A 365 11.24 -3.08 -22.72
C ASN A 365 11.76 -1.74 -22.23
N PHE A 366 11.22 -1.28 -21.12
CA PHE A 366 11.64 -0.02 -20.51
C PHE A 366 13.06 -0.13 -19.94
N ALA A 367 13.87 0.90 -20.20
CA ALA A 367 15.20 1.00 -19.66
C ALA A 367 15.32 2.42 -19.16
N GLU A 368 15.80 2.62 -17.93
CA GLU A 368 15.94 3.98 -17.42
C GLU A 368 16.79 4.80 -18.38
N GLU A 369 17.80 4.18 -18.97
CA GLU A 369 18.67 4.82 -19.95
C GLU A 369 17.91 5.37 -21.15
N ALA A 370 16.72 4.84 -21.40
CA ALA A 370 15.94 5.17 -22.58
C ALA A 370 14.55 5.65 -22.20
N ALA A 371 14.37 6.11 -20.96
CA ALA A 371 13.03 6.31 -20.44
C ALA A 371 12.19 7.21 -21.34
N VAL A 372 12.75 8.35 -21.80
CA VAL A 372 11.94 9.28 -22.58
C VAL A 372 11.49 8.66 -23.90
N GLU A 373 12.44 8.03 -24.61
CA GLU A 373 12.10 7.34 -25.84
C GLU A 373 11.03 6.27 -25.62
N ASN A 374 11.21 5.41 -24.59
CA ASN A 374 10.22 4.37 -24.34
C ASN A 374 8.86 4.99 -24.05
N ALA A 375 8.85 6.06 -23.28
CA ALA A 375 7.59 6.70 -22.96
C ALA A 375 6.91 7.21 -24.21
N LYS A 376 7.67 7.82 -25.12
CA LYS A 376 7.05 8.32 -26.35
C LYS A 376 6.52 7.17 -27.21
N GLN A 377 7.24 6.05 -27.28
CA GLN A 377 6.73 4.90 -28.03
C GLN A 377 5.40 4.43 -27.46
N ILE A 378 5.32 4.36 -26.12
CA ILE A 378 4.10 3.91 -25.45
C ILE A 378 2.96 4.88 -25.69
N LEU A 379 3.22 6.19 -25.53
CA LEU A 379 2.16 7.18 -25.72
C LEU A 379 1.72 7.25 -27.18
N ARG A 380 2.62 7.00 -28.11
CA ARG A 380 2.22 6.93 -29.49
C ARG A 380 1.27 5.78 -29.74
N LEU A 381 1.47 4.65 -29.05
CA LEU A 381 0.50 3.57 -29.15
C LEU A 381 -0.85 4.03 -28.61
N ALA A 382 -0.85 4.74 -27.49
CA ALA A 382 -2.10 5.21 -26.93
C ALA A 382 -2.78 6.17 -27.87
N ILE A 383 -1.99 7.01 -28.54
CA ILE A 383 -2.57 7.95 -29.50
C ILE A 383 -3.16 7.19 -30.68
N ASP A 384 -2.42 6.22 -31.21
CA ASP A 384 -2.97 5.38 -32.27
C ASP A 384 -4.30 4.79 -31.85
N THR A 385 -4.39 4.37 -30.59
CA THR A 385 -5.61 3.72 -30.09
C THR A 385 -6.76 4.72 -30.01
N PHE A 386 -6.48 5.93 -29.50
CA PHE A 386 -7.49 6.97 -29.49
C PHE A 386 -8.05 7.13 -30.88
N LYS A 387 -7.18 7.20 -31.89
CA LYS A 387 -7.67 7.40 -33.26
C LYS A 387 -8.60 6.28 -33.68
N ARG A 388 -8.28 5.04 -33.28
CA ARG A 388 -9.08 3.92 -33.73
C ARG A 388 -10.47 3.94 -33.15
N ARG A 389 -10.68 4.62 -32.03
CA ARG A 389 -12.02 4.71 -31.48
C ARG A 389 -12.74 5.98 -31.92
N LYS A 390 -12.25 6.67 -32.94
CA LYS A 390 -13.05 7.70 -33.58
C LYS A 390 -14.44 7.17 -33.91
N GLY A 391 -15.46 7.78 -33.32
CA GLY A 391 -16.84 7.46 -33.66
C GLY A 391 -17.49 6.38 -32.83
N LYS A 392 -16.79 5.81 -31.92
CA LYS A 392 -17.33 4.75 -31.09
C LYS A 392 -17.94 5.37 -29.84
N PRO A 393 -19.16 5.03 -29.43
CA PRO A 393 -19.68 5.63 -28.20
C PRO A 393 -18.89 5.07 -27.03
N VAL A 394 -18.75 5.90 -26.02
CA VAL A 394 -18.13 5.47 -24.77
C VAL A 394 -19.13 5.71 -23.65
N GLU A 395 -18.95 5.03 -22.53
CA GLU A 395 -19.81 5.24 -21.36
C GLU A 395 -18.92 5.44 -20.16
N ILE A 396 -18.57 6.69 -19.91
CA ILE A 396 -17.81 7.07 -18.72
C ILE A 396 -18.83 7.53 -17.69
N PRO A 397 -18.98 6.83 -16.56
CA PRO A 397 -19.85 7.34 -15.50
C PRO A 397 -19.45 8.75 -15.09
N ASN A 398 -20.42 9.65 -15.00
CA ASN A 398 -20.10 11.02 -14.67
C ASN A 398 -20.03 11.18 -13.16
N ILE A 399 -19.08 10.44 -12.60
CA ILE A 399 -19.01 10.28 -11.16
C ILE A 399 -17.57 10.48 -10.78
N LYS A 400 -17.33 11.42 -9.89
CA LYS A 400 -16.00 11.69 -9.37
C LYS A 400 -16.11 12.43 -8.07
N THR A 401 -15.03 12.31 -7.28
CA THR A 401 -14.92 13.04 -6.03
C THR A 401 -13.71 13.97 -6.07
N LYS A 402 -13.76 15.01 -5.23
CA LYS A 402 -12.59 15.86 -4.98
C LYS A 402 -11.69 15.22 -3.93
N VAL A 403 -10.39 15.23 -4.20
CA VAL A 403 -9.38 14.59 -3.37
C VAL A 403 -8.29 15.60 -3.00
N VAL A 404 -8.14 15.86 -1.73
CA VAL A 404 -6.96 16.55 -1.20
C VAL A 404 -6.03 15.46 -0.66
N ALA A 405 -4.80 15.44 -1.13
CA ALA A 405 -3.84 14.39 -0.76
C ALA A 405 -2.45 15.00 -0.68
N GLY A 406 -1.40 14.17 -0.66
CA GLY A 406 -0.04 14.64 -0.58
C GLY A 406 0.48 14.80 0.82
N PHE A 407 -0.11 14.07 1.78
CA PHE A 407 0.31 14.19 3.17
C PHE A 407 1.44 13.23 3.50
N SER A 408 2.61 13.49 2.94
CA SER A 408 3.81 12.86 3.45
C SER A 408 4.00 13.22 4.91
N THR A 409 4.88 12.49 5.59
CA THR A 409 5.14 12.84 6.98
C THR A 409 5.75 14.23 7.10
N GLU A 410 6.61 14.59 6.15
CA GLU A 410 7.19 15.93 6.14
C GLU A 410 6.09 16.95 5.96
N ALA A 411 5.10 16.66 5.11
CA ALA A 411 3.99 17.59 4.91
C ALA A 411 3.14 17.76 6.13
N ILE A 412 2.90 16.67 6.85
CA ILE A 412 2.12 16.74 8.06
C ILE A 412 2.85 17.53 9.13
N ILE A 413 4.13 17.22 9.36
CA ILE A 413 4.95 18.01 10.27
C ILE A 413 4.94 19.49 9.89
N ASN A 414 5.10 19.81 8.62
CA ASN A 414 5.07 21.21 8.21
C ASN A 414 3.72 21.85 8.50
N ALA A 415 2.63 21.11 8.23
CA ALA A 415 1.31 21.68 8.50
C ALA A 415 1.15 21.96 9.97
N LEU A 416 1.51 20.99 10.83
CA LEU A 416 1.45 21.22 12.28
C LEU A 416 2.38 22.32 12.76
N SER A 417 3.50 22.51 12.07
CA SER A 417 4.42 23.57 12.49
C SER A 417 3.85 24.98 12.38
N LYS A 418 2.78 25.17 11.63
CA LYS A 418 2.14 26.48 11.58
C LYS A 418 1.41 26.78 12.88
N LEU A 419 1.17 25.76 13.70
CA LEU A 419 0.63 25.97 15.03
C LEU A 419 1.69 26.00 16.12
N ASN A 420 2.90 25.47 15.86
CA ASN A 420 3.96 25.48 16.86
C ASN A 420 5.26 25.24 16.07
N ALA A 421 5.96 26.31 15.73
CA ALA A 421 7.05 26.24 14.74
C ALA A 421 8.20 25.35 15.20
N ASN A 422 8.59 25.45 16.44
CA ASN A 422 9.76 24.72 16.92
C ASN A 422 9.43 23.45 17.67
N ASP A 423 8.16 23.07 17.78
CA ASP A 423 7.78 21.78 18.38
C ASP A 423 6.54 21.31 17.64
N PRO A 424 6.70 20.92 16.37
CA PRO A 424 5.51 20.73 15.52
C PRO A 424 4.66 19.55 15.94
N LEU A 425 5.23 18.52 16.56
CA LEU A 425 4.40 17.42 16.99
C LEU A 425 3.58 17.78 18.21
N LYS A 426 3.95 18.84 18.94
CA LYS A 426 3.25 19.11 20.18
C LYS A 426 1.77 19.47 19.99
N PRO A 427 1.36 20.24 18.98
CA PRO A 427 -0.08 20.46 18.81
C PRO A 427 -0.85 19.17 18.62
N LEU A 428 -0.28 18.20 17.90
CA LEU A 428 -0.97 16.93 17.76
C LEU A 428 -1.10 16.26 19.12
N ILE A 429 0.01 16.17 19.85
CA ILE A 429 0.01 15.49 21.14
C ILE A 429 -0.92 16.20 22.10
N ASP A 430 -0.92 17.52 22.09
CA ASP A 430 -1.81 18.25 22.98
C ASP A 430 -3.27 17.83 22.78
N ASN A 431 -3.65 17.61 21.51
CA ASN A 431 -5.02 17.27 21.19
C ASN A 431 -5.32 15.81 21.40
N VAL A 432 -4.31 14.94 21.35
CA VAL A 432 -4.51 13.58 21.85
C VAL A 432 -4.79 13.61 23.34
N VAL A 433 -4.00 14.37 24.08
CA VAL A 433 -4.14 14.42 25.54
C VAL A 433 -5.48 14.99 25.95
N ASN A 434 -5.91 16.06 25.31
CA ASN A 434 -7.18 16.67 25.69
C ASN A 434 -8.36 15.96 25.08
N GLY A 435 -8.13 14.94 24.25
CA GLY A 435 -9.23 14.16 23.73
C GLY A 435 -9.86 14.65 22.45
N ASN A 436 -9.46 15.82 21.92
CA ASN A 436 -9.93 16.22 20.60
C ASN A 436 -9.52 15.20 19.53
N ILE A 437 -8.39 14.52 19.73
CA ILE A 437 -7.95 13.41 18.88
C ILE A 437 -7.91 12.19 19.77
N ARG A 438 -8.74 11.21 19.50
CA ARG A 438 -8.77 10.05 20.36
C ARG A 438 -7.54 9.18 20.15
N GLY A 439 -7.15 9.01 18.90
CA GLY A 439 -5.98 8.21 18.53
C GLY A 439 -5.80 8.34 17.03
N VAL A 440 -4.95 7.45 16.47
CA VAL A 440 -4.62 7.43 15.05
C VAL A 440 -4.92 6.04 14.51
N CYS A 441 -5.61 5.97 13.40
CA CYS A 441 -5.79 4.72 12.67
C CYS A 441 -5.27 4.84 11.25
N LEU A 442 -4.43 3.90 10.87
CA LEU A 442 -3.94 3.76 9.51
C LEU A 442 -4.78 2.71 8.80
N PHE A 443 -5.44 3.06 7.70
CA PHE A 443 -6.08 2.11 6.82
C PHE A 443 -5.11 1.79 5.70
N ALA A 444 -4.92 0.51 5.45
CA ALA A 444 -3.96 0.03 4.48
C ALA A 444 -4.53 -1.15 3.71
N GLY A 445 -3.80 -1.52 2.67
CA GLY A 445 -4.11 -2.73 1.94
C GLY A 445 -5.08 -2.51 0.78
N CYS A 446 -5.61 -3.61 0.29
CA CYS A 446 -6.27 -3.83 -1.00
C CYS A 446 -7.80 -3.81 -0.78
N ASN A 447 -8.57 -3.94 -1.87
CA ASN A 447 -9.94 -4.49 -1.87
C ASN A 447 -9.81 -6.01 -2.11
N ASN A 448 -10.88 -6.75 -1.85
CA ASN A 448 -10.88 -8.21 -2.03
C ASN A 448 -12.27 -8.59 -2.50
N VAL A 449 -12.36 -9.40 -3.55
CA VAL A 449 -13.67 -9.73 -4.11
C VAL A 449 -14.63 -10.34 -3.12
N LYS A 450 -14.14 -10.90 -2.03
CA LYS A 450 -15.01 -11.51 -1.03
C LYS A 450 -15.82 -10.48 -0.27
N VAL A 451 -15.40 -9.22 -0.27
CA VAL A 451 -16.01 -8.16 0.51
C VAL A 451 -16.60 -7.14 -0.46
N PRO A 452 -17.87 -6.76 -0.34
CA PRO A 452 -18.39 -5.72 -1.23
C PRO A 452 -17.44 -4.54 -1.24
N GLN A 453 -17.04 -4.13 -2.42
CA GLN A 453 -15.88 -3.23 -2.55
C GLN A 453 -16.06 -1.97 -1.76
N ASP A 454 -15.13 -1.72 -0.84
CA ASP A 454 -15.01 -0.50 -0.03
C ASP A 454 -15.87 -0.55 1.19
N GLN A 455 -16.72 -1.55 1.38
CA GLN A 455 -17.67 -1.50 2.48
C GLN A 455 -17.01 -1.51 3.85
N ASN A 456 -15.94 -2.25 4.00
CA ASN A 456 -15.31 -2.27 5.32
C ASN A 456 -14.50 -1.00 5.57
N PHE A 457 -13.78 -0.50 4.57
CA PHE A 457 -13.06 0.75 4.78
C PHE A 457 -14.01 1.88 5.17
N THR A 458 -15.11 2.03 4.45
CA THR A 458 -15.96 3.19 4.74
C THR A 458 -16.74 3.00 6.02
N THR A 459 -17.18 1.78 6.30
CA THR A 459 -17.96 1.55 7.51
C THR A 459 -17.09 1.80 8.75
N ILE A 460 -15.86 1.26 8.76
CA ILE A 460 -14.99 1.43 9.90
C ILE A 460 -14.57 2.89 9.99
N ALA A 461 -14.19 3.49 8.86
CA ALA A 461 -13.73 4.86 8.93
C ALA A 461 -14.82 5.79 9.46
N ARG A 462 -16.07 5.61 9.06
CA ARG A 462 -17.12 6.49 9.56
CA ARG A 462 -17.12 6.48 9.55
C ARG A 462 -17.23 6.41 11.07
N LYS A 463 -17.16 5.23 11.64
CA LYS A 463 -17.30 5.11 13.08
C LYS A 463 -16.12 5.75 13.78
N LEU A 464 -14.92 5.53 13.26
CA LEU A 464 -13.74 6.09 13.93
C LEU A 464 -13.74 7.61 13.84
N LEU A 465 -14.09 8.18 12.71
CA LEU A 465 -14.05 9.62 12.58
C LEU A 465 -15.07 10.30 13.50
N LYS A 466 -16.26 9.68 13.68
CA LYS A 466 -17.21 10.24 14.65
C LYS A 466 -16.69 10.19 16.06
N GLN A 467 -15.76 9.28 16.36
CA GLN A 467 -15.16 9.16 17.67
C GLN A 467 -13.83 9.89 17.77
N ASN A 468 -13.60 10.81 16.85
CA ASN A 468 -12.47 11.75 16.87
C ASN A 468 -11.12 11.08 16.61
N VAL A 469 -11.11 9.96 15.90
CA VAL A 469 -9.86 9.34 15.50
C VAL A 469 -9.30 10.06 14.28
N LEU A 470 -8.00 10.37 14.33
CA LEU A 470 -7.30 10.88 13.18
C LEU A 470 -7.01 9.69 12.27
N VAL A 471 -7.57 9.73 11.08
CA VAL A 471 -7.49 8.62 10.14
C VAL A 471 -6.51 8.97 9.03
N VAL A 472 -5.52 8.09 8.84
CA VAL A 472 -4.57 8.22 7.74
C VAL A 472 -4.74 6.97 6.89
N ALA A 473 -4.38 7.06 5.64
CA ALA A 473 -4.63 5.95 4.72
C ALA A 473 -3.62 5.89 3.60
N THR A 474 -3.38 4.67 3.14
CA THR A 474 -2.46 4.41 2.04
C THR A 474 -3.05 3.37 1.08
N GLY A 475 -2.43 3.29 -0.07
CA GLY A 475 -2.73 2.18 -0.96
C GLY A 475 -4.17 2.23 -1.42
N CYS A 476 -4.73 1.05 -1.56
CA CYS A 476 -6.12 0.91 -1.96
C CYS A 476 -7.07 1.21 -0.81
N GLY A 477 -6.60 1.30 0.43
CA GLY A 477 -7.42 1.88 1.47
C GLY A 477 -7.63 3.36 1.25
N ALA A 478 -6.57 4.07 0.93
CA ALA A 478 -6.72 5.47 0.51
C ALA A 478 -7.59 5.54 -0.73
N GLY A 479 -7.45 4.58 -1.66
CA GLY A 479 -8.28 4.61 -2.84
C GLY A 479 -9.77 4.51 -2.54
N ALA A 480 -10.13 3.57 -1.70
CA ALA A 480 -11.50 3.40 -1.28
C ALA A 480 -12.03 4.66 -0.60
N LEU A 481 -11.28 5.21 0.31
CA LEU A 481 -11.75 6.38 1.01
C LEU A 481 -11.82 7.59 0.07
N MET A 482 -10.87 7.74 -0.85
CA MET A 482 -10.96 8.91 -1.72
CA MET A 482 -10.91 8.85 -1.81
C MET A 482 -12.18 8.81 -2.63
N ARG A 483 -12.49 7.62 -3.18
CA ARG A 483 -13.62 7.45 -4.09
C ARG A 483 -14.95 7.65 -3.40
N HIS A 484 -14.99 7.65 -2.07
CA HIS A 484 -16.22 7.84 -1.32
C HIS A 484 -16.26 9.19 -0.61
N GLY A 485 -15.32 10.09 -0.93
CA GLY A 485 -15.39 11.46 -0.47
C GLY A 485 -14.68 11.76 0.81
N PHE A 486 -13.91 10.81 1.31
CA PHE A 486 -13.28 10.98 2.60
C PHE A 486 -12.06 11.87 2.53
N MET A 487 -11.60 12.27 1.34
CA MET A 487 -10.49 13.19 1.16
CA MET A 487 -10.51 13.22 1.21
C MET A 487 -10.99 14.55 0.68
N ASP A 488 -12.29 14.81 0.79
CA ASP A 488 -12.82 16.13 0.44
C ASP A 488 -13.12 16.90 1.71
N PRO A 489 -12.46 18.04 1.95
CA PRO A 489 -12.72 18.79 3.17
C PRO A 489 -14.13 19.28 3.32
N ALA A 490 -14.89 19.35 2.20
CA ALA A 490 -16.29 19.74 2.29
C ALA A 490 -17.09 18.72 3.09
N ASN A 491 -16.56 17.51 3.30
CA ASN A 491 -17.28 16.49 4.05
C ASN A 491 -16.88 16.41 5.52
N VAL A 492 -16.07 17.34 6.02
CA VAL A 492 -15.65 17.28 7.42
C VAL A 492 -16.82 17.43 8.36
N ASP A 493 -17.74 18.36 8.09
CA ASP A 493 -18.84 18.54 9.03
C ASP A 493 -19.67 17.27 9.17
N GLU A 494 -19.90 16.56 8.06
CA GLU A 494 -20.74 15.37 8.10
C GLU A 494 -20.02 14.21 8.77
N LEU A 495 -18.75 14.04 8.50
CA LEU A 495 -18.06 12.83 8.92
C LEU A 495 -17.36 12.91 10.27
N CYS A 496 -16.90 14.08 10.70
CA CYS A 496 -15.96 14.16 11.81
C CYS A 496 -16.63 14.53 13.11
N GLY A 497 -16.17 13.91 14.19
CA GLY A 497 -16.58 14.37 15.51
C GLY A 497 -16.12 15.81 15.76
N ASP A 498 -16.71 16.43 16.80
CA ASP A 498 -16.44 17.83 17.01
C ASP A 498 -14.96 18.10 17.34
N GLY A 499 -14.32 17.20 18.11
CA GLY A 499 -12.92 17.41 18.47
C GLY A 499 -12.01 17.31 17.26
N LEU A 500 -12.20 16.27 16.46
CA LEU A 500 -11.42 16.11 15.23
C LEU A 500 -11.67 17.27 14.29
N LYS A 501 -12.93 17.64 14.09
CA LYS A 501 -13.22 18.78 13.21
C LYS A 501 -12.46 20.04 13.68
N ALA A 502 -12.46 20.27 14.98
CA ALA A 502 -11.75 21.45 15.50
C ALA A 502 -10.26 21.39 15.14
N VAL A 503 -9.63 20.22 15.28
CA VAL A 503 -8.22 20.12 14.98
C VAL A 503 -7.95 20.26 13.50
N LEU A 504 -8.74 19.57 12.67
CA LEU A 504 -8.57 19.67 11.22
C LEU A 504 -8.76 21.11 10.76
N THR A 505 -9.71 21.80 11.39
CA THR A 505 -9.96 23.19 11.04
C THR A 505 -8.83 24.09 11.49
N ALA A 506 -8.36 23.91 12.72
CA ALA A 506 -7.27 24.75 13.20
C ALA A 506 -6.05 24.58 12.32
N ILE A 507 -5.70 23.33 11.95
CA ILE A 507 -4.51 23.16 11.13
C ILE A 507 -4.75 23.72 9.75
N GLY A 508 -5.89 23.40 9.15
CA GLY A 508 -6.22 23.96 7.85
C GLY A 508 -6.20 25.48 7.81
N GLU A 509 -6.86 26.10 8.77
CA GLU A 509 -6.89 27.56 8.75
C GLU A 509 -5.49 28.15 8.98
N ALA A 510 -4.65 27.48 9.75
CA ALA A 510 -3.28 27.95 9.93
C ALA A 510 -2.44 27.73 8.69
N ASN A 511 -2.85 26.88 7.75
CA ASN A 511 -2.13 26.68 6.51
C ASN A 511 -2.76 27.47 5.35
N GLY A 512 -3.52 28.53 5.65
CA GLY A 512 -4.11 29.43 4.67
C GLY A 512 -5.40 28.97 4.02
N LEU A 513 -5.87 27.75 4.29
CA LEU A 513 -6.87 27.08 3.48
C LEU A 513 -8.27 27.63 3.69
N GLY A 514 -8.49 28.46 4.73
CA GLY A 514 -9.81 28.98 5.01
C GLY A 514 -10.80 27.84 5.16
N GLY A 515 -10.26 26.66 5.47
CA GLY A 515 -11.02 25.46 5.52
C GLY A 515 -10.15 24.39 6.12
N PRO A 516 -10.81 23.35 6.61
CA PRO A 516 -10.08 22.26 7.29
C PRO A 516 -9.25 21.41 6.34
N LEU A 517 -8.31 20.69 6.94
CA LEU A 517 -7.77 19.51 6.30
C LEU A 517 -8.90 18.55 5.98
N PRO A 518 -8.66 17.63 5.05
CA PRO A 518 -9.70 16.65 4.70
C PRO A 518 -9.95 15.69 5.84
N PRO A 519 -11.06 14.95 5.78
CA PRO A 519 -11.36 14.04 6.89
C PRO A 519 -10.30 12.98 7.11
N VAL A 520 -9.71 12.46 6.03
CA VAL A 520 -8.69 11.42 6.07
C VAL A 520 -7.45 11.95 5.37
N LEU A 521 -6.28 11.67 5.90
CA LEU A 521 -5.04 12.13 5.32
C LEU A 521 -4.42 11.00 4.50
N HIS A 522 -4.24 11.27 3.20
CA HIS A 522 -3.69 10.31 2.26
C HIS A 522 -2.17 10.40 2.33
N MET A 523 -1.57 9.34 2.88
CA MET A 523 -0.13 9.25 3.05
C MET A 523 0.58 8.51 1.92
N GLY A 524 -0.15 8.03 0.90
CA GLY A 524 0.51 7.59 -0.33
C GLY A 524 0.24 6.14 -0.68
N SER A 525 1.25 5.55 -1.31
CA SER A 525 1.15 4.21 -1.84
C SER A 525 1.40 3.19 -0.72
N CYS A 526 1.37 1.91 -1.09
CA CYS A 526 1.63 0.87 -0.08
CA CYS A 526 1.61 0.87 -0.09
C CYS A 526 3.02 0.94 0.52
N VAL A 527 4.08 1.19 -0.26
CA VAL A 527 5.37 1.34 0.37
C VAL A 527 5.34 2.50 1.34
N ASP A 528 4.52 3.51 1.03
CA ASP A 528 4.39 4.67 1.89
C ASP A 528 3.61 4.40 3.17
N ASN A 529 3.18 3.15 3.45
CA ASN A 529 2.94 2.82 4.84
C ASN A 529 4.16 3.13 5.68
N SER A 530 5.33 3.16 5.07
CA SER A 530 6.52 3.54 5.81
C SER A 530 6.45 4.96 6.32
N ARG A 531 5.71 5.82 5.66
CA ARG A 531 5.57 7.20 6.13
C ARG A 531 4.78 7.25 7.41
N ALA A 532 3.76 6.40 7.53
CA ALA A 532 3.03 6.33 8.79
C ALA A 532 3.95 5.85 9.88
N VAL A 533 4.84 4.90 9.61
CA VAL A 533 5.81 4.48 10.61
C VAL A 533 6.66 5.68 11.04
N ALA A 534 7.17 6.43 10.06
CA ALA A 534 8.00 7.60 10.38
C ALA A 534 7.25 8.54 11.29
N LEU A 535 5.95 8.77 11.02
CA LEU A 535 5.19 9.68 11.86
C LEU A 535 5.06 9.14 13.27
N VAL A 536 4.67 7.87 13.38
CA VAL A 536 4.45 7.26 14.68
C VAL A 536 5.74 7.12 15.46
N ALA A 537 6.85 6.84 14.77
CA ALA A 537 8.13 6.78 15.47
C ALA A 537 8.55 8.17 15.94
N ALA A 538 8.24 9.21 15.17
CA ALA A 538 8.58 10.54 15.62
C ALA A 538 7.75 10.91 16.82
N LEU A 539 6.47 10.53 16.83
CA LEU A 539 5.65 10.75 18.01
C LEU A 539 6.21 10.02 19.20
N ALA A 540 6.57 8.74 18.97
CA ALA A 540 7.17 7.96 20.04
C ALA A 540 8.40 8.64 20.59
N ASN A 541 9.30 9.11 19.72
CA ASN A 541 10.53 9.74 20.21
CA ASN A 541 10.54 9.78 20.15
C ASN A 541 10.22 11.03 20.97
N ARG A 542 9.25 11.80 20.51
CA ARG A 542 8.91 13.07 21.16
C ARG A 542 8.32 12.81 22.53
N LEU A 543 7.58 11.73 22.71
CA LEU A 543 6.99 11.38 24.00
C LEU A 543 7.89 10.54 24.90
N GLY A 544 8.98 10.00 24.38
CA GLY A 544 9.86 9.14 25.15
C GLY A 544 9.27 7.81 25.49
N VAL A 545 8.38 7.29 24.64
CA VAL A 545 7.83 5.95 24.83
C VAL A 545 7.96 5.18 23.54
N ASP A 546 7.69 3.89 23.65
CA ASP A 546 7.71 3.01 22.49
C ASP A 546 6.33 2.99 21.85
N LEU A 547 6.30 2.45 20.63
CA LEU A 547 5.09 2.53 19.81
C LEU A 547 3.95 1.71 20.41
N ASP A 548 4.27 0.65 21.17
CA ASP A 548 3.24 -0.15 21.79
C ASP A 548 2.59 0.54 23.00
N ARG A 549 2.95 1.79 23.29
CA ARG A 549 2.22 2.57 24.27
C ARG A 549 1.39 3.68 23.63
N LEU A 550 1.48 3.86 22.34
CA LEU A 550 0.78 4.97 21.69
C LEU A 550 -0.61 4.51 21.25
N PRO A 551 -1.57 5.46 21.23
CA PRO A 551 -2.94 5.15 20.78
C PRO A 551 -3.03 5.20 19.27
N VAL A 552 -2.39 4.19 18.65
CA VAL A 552 -2.24 4.09 17.20
C VAL A 552 -2.57 2.67 16.87
N VAL A 553 -3.41 2.48 15.84
CA VAL A 553 -3.83 1.17 15.36
C VAL A 553 -3.76 1.19 13.85
N ALA A 554 -3.85 -0.02 13.26
CA ALA A 554 -3.86 -0.22 11.83
C ALA A 554 -5.03 -1.10 11.48
N SER A 555 -5.51 -0.93 10.26
CA SER A 555 -6.59 -1.75 9.70
C SER A 555 -6.37 -2.03 8.23
N ALA A 556 -6.12 -3.31 7.94
CA ALA A 556 -6.14 -3.84 6.56
C ALA A 556 -7.53 -4.41 6.35
N ALA A 557 -8.48 -3.50 6.12
CA ALA A 557 -9.88 -3.80 6.29
C ALA A 557 -10.42 -4.70 5.19
N GLU A 558 -9.75 -4.79 4.05
CA GLU A 558 -10.18 -5.59 2.90
C GLU A 558 -8.99 -6.32 2.18
N ALA A 559 -8.12 -6.90 2.96
CA ALA A 559 -6.83 -7.27 2.41
C ALA A 559 -6.93 -8.39 1.38
N MET A 560 -5.92 -8.45 0.52
CA MET A 560 -5.81 -9.47 -0.53
C MET A 560 -4.38 -10.00 -0.76
N HIS A 561 -3.45 -9.10 -0.98
CA HIS A 561 -2.18 -9.54 -1.52
C HIS A 561 -1.26 -10.05 -0.43
N GLU A 562 -0.30 -10.89 -0.84
CA GLU A 562 0.74 -11.32 0.11
C GLU A 562 1.43 -10.10 0.71
N LYS A 563 1.59 -9.00 -0.02
CA LYS A 563 2.16 -7.80 0.54
C LYS A 563 1.36 -7.28 1.71
N ALA A 564 0.04 -7.39 1.66
CA ALA A 564 -0.79 -6.93 2.76
C ALA A 564 -0.58 -7.76 4.02
N VAL A 565 -0.37 -9.05 3.85
CA VAL A 565 -0.04 -9.90 4.99
C VAL A 565 1.29 -9.48 5.60
N ALA A 566 2.30 -9.20 4.75
CA ALA A 566 3.55 -8.74 5.28
C ALA A 566 3.38 -7.45 6.06
N ILE A 567 2.65 -6.46 5.48
CA ILE A 567 2.47 -5.17 6.18
C ILE A 567 1.75 -5.41 7.50
N GLY A 568 0.67 -6.18 7.49
CA GLY A 568 0.00 -6.38 8.76
C GLY A 568 0.91 -7.01 9.80
N THR A 569 1.75 -7.96 9.38
CA THR A 569 2.64 -8.61 10.32
C THR A 569 3.69 -7.65 10.86
N TRP A 570 4.22 -6.74 10.02
CA TRP A 570 5.20 -5.80 10.59
C TRP A 570 4.52 -4.72 11.42
N ALA A 571 3.25 -4.41 11.14
CA ALA A 571 2.55 -3.49 12.01
C ALA A 571 2.42 -4.08 13.40
N VAL A 572 2.15 -5.38 13.46
CA VAL A 572 2.15 -6.09 14.74
C VAL A 572 3.53 -6.09 15.37
N THR A 573 4.56 -6.38 14.59
CA THR A 573 5.92 -6.49 15.10
C THR A 573 6.43 -5.19 15.65
N ILE A 574 6.03 -4.05 15.06
CA ILE A 574 6.49 -2.77 15.60
C ILE A 574 5.67 -2.29 16.78
N GLY A 575 4.58 -3.00 17.13
CA GLY A 575 3.85 -2.74 18.36
C GLY A 575 2.40 -2.30 18.23
N LEU A 576 1.80 -2.42 17.05
CA LEU A 576 0.45 -1.91 16.84
C LEU A 576 -0.63 -2.98 16.88
N PRO A 577 -1.75 -2.69 17.53
CA PRO A 577 -2.96 -3.48 17.29
C PRO A 577 -3.34 -3.33 15.83
N THR A 578 -3.56 -4.45 15.17
CA THR A 578 -3.63 -4.48 13.72
C THR A 578 -4.84 -5.31 13.29
N HIS A 579 -5.86 -4.64 12.79
CA HIS A 579 -7.04 -5.30 12.33
C HIS A 579 -6.84 -5.82 10.89
N ILE A 580 -7.36 -7.02 10.64
CA ILE A 580 -7.48 -7.54 9.29
C ILE A 580 -8.94 -7.98 9.11
N GLY A 581 -9.55 -7.56 8.00
CA GLY A 581 -10.99 -7.67 7.79
C GLY A 581 -11.36 -8.75 6.81
N VAL A 582 -10.39 -9.56 6.38
CA VAL A 582 -10.59 -10.78 5.62
CA VAL A 582 -10.64 -10.79 5.65
C VAL A 582 -9.87 -11.87 6.41
N LEU A 583 -10.29 -13.09 6.24
CA LEU A 583 -9.65 -14.15 7.01
CA LEU A 583 -9.65 -14.16 7.00
C LEU A 583 -8.33 -14.55 6.37
N PRO A 584 -7.20 -14.42 7.06
CA PRO A 584 -6.00 -15.06 6.59
C PRO A 584 -6.10 -16.55 6.90
N PRO A 585 -5.28 -17.34 6.29
CA PRO A 585 -5.42 -18.81 6.38
C PRO A 585 -4.81 -19.37 7.64
N ILE A 586 -5.37 -18.96 8.77
CA ILE A 586 -4.89 -19.32 10.08
C ILE A 586 -5.90 -20.04 10.95
N THR A 587 -7.18 -20.04 10.60
CA THR A 587 -8.20 -20.52 11.54
C THR A 587 -8.13 -22.02 11.74
N GLY A 588 -7.45 -22.74 10.83
CA GLY A 588 -7.24 -24.14 11.02
C GLY A 588 -6.33 -24.50 12.16
N SER A 589 -5.67 -23.54 12.78
CA SER A 589 -4.81 -23.85 13.91
C SER A 589 -5.11 -22.87 15.04
N LEU A 590 -5.70 -23.36 16.11
CA LEU A 590 -5.96 -22.49 17.24
C LEU A 590 -4.64 -22.01 17.86
N PRO A 591 -3.64 -22.88 18.02
CA PRO A 591 -2.38 -22.36 18.60
C PRO A 591 -1.77 -21.22 17.78
N VAL A 592 -1.73 -21.34 16.46
CA VAL A 592 -1.21 -20.24 15.65
C VAL A 592 -2.08 -19.02 15.82
N THR A 593 -3.41 -19.18 15.79
CA THR A 593 -4.29 -18.01 15.96
C THR A 593 -4.02 -17.33 17.27
N GLN A 594 -3.83 -18.12 18.33
CA GLN A 594 -3.63 -17.57 19.68
C GLN A 594 -2.31 -16.82 19.76
N ILE A 595 -1.27 -17.31 19.07
CA ILE A 595 -0.03 -16.56 19.05
C ILE A 595 -0.25 -15.21 18.39
N LEU A 596 -0.85 -15.22 17.20
CA LEU A 596 -0.95 -13.99 16.41
C LEU A 596 -1.92 -12.98 16.96
N THR A 597 -2.94 -13.39 17.69
CA THR A 597 -3.93 -12.48 18.22
C THR A 597 -3.81 -12.25 19.71
N SER A 598 -2.92 -12.96 20.39
CA SER A 598 -2.77 -12.77 21.82
C SER A 598 -1.36 -12.87 22.34
N SER A 599 -0.69 -14.02 22.21
CA SER A 599 0.57 -14.09 22.94
CA SER A 599 0.61 -14.22 22.85
C SER A 599 1.68 -13.28 22.29
N VAL A 600 1.55 -12.89 21.01
CA VAL A 600 2.52 -11.97 20.44
C VAL A 600 2.54 -10.66 21.20
N LYS A 601 1.45 -10.30 21.87
CA LYS A 601 1.47 -9.07 22.67
C LYS A 601 2.68 -9.06 23.63
N ASP A 602 3.03 -10.23 24.16
CA ASP A 602 4.09 -10.32 25.17
C ASP A 602 5.47 -10.25 24.56
N ILE A 603 5.55 -10.33 23.24
CA ILE A 603 6.80 -10.24 22.50
C ILE A 603 6.99 -8.84 21.95
N THR A 604 6.01 -8.35 21.17
CA THR A 604 6.17 -7.07 20.50
C THR A 604 5.21 -5.98 20.96
N GLY A 605 4.20 -6.30 21.79
CA GLY A 605 3.18 -5.36 22.18
C GLY A 605 2.06 -5.13 21.20
N GLY A 606 2.24 -5.54 19.95
CA GLY A 606 1.18 -5.50 18.95
C GLY A 606 0.48 -6.85 18.88
N TYR A 607 -0.55 -6.92 18.06
CA TYR A 607 -1.35 -8.13 17.93
C TYR A 607 -2.34 -7.95 16.79
N PHE A 608 -2.70 -9.05 16.17
CA PHE A 608 -3.78 -9.01 15.18
C PHE A 608 -5.14 -9.04 15.83
N ILE A 609 -6.08 -8.33 15.18
CA ILE A 609 -7.50 -8.33 15.51
C ILE A 609 -8.16 -8.84 14.22
N VAL A 610 -8.59 -10.11 14.20
CA VAL A 610 -9.25 -10.67 13.03
C VAL A 610 -10.74 -10.45 13.20
N GLU A 611 -11.35 -9.65 12.35
CA GLU A 611 -12.77 -9.37 12.50
C GLU A 611 -13.38 -9.03 11.17
N LEU A 612 -14.25 -9.91 10.69
CA LEU A 612 -14.87 -9.74 9.39
CA LEU A 612 -14.84 -9.70 9.38
C LEU A 612 -16.03 -8.77 9.39
N ASP A 613 -16.70 -8.57 10.53
CA ASP A 613 -17.85 -7.65 10.56
C ASP A 613 -17.35 -6.24 10.80
N PRO A 614 -17.57 -5.30 9.89
CA PRO A 614 -16.86 -4.03 10.02
C PRO A 614 -17.35 -3.17 11.17
N GLU A 615 -18.62 -3.21 11.54
CA GLU A 615 -19.06 -2.49 12.74
CA GLU A 615 -18.99 -2.44 12.73
C GLU A 615 -18.36 -3.02 14.00
N THR A 616 -18.27 -4.34 14.12
CA THR A 616 -17.56 -4.96 15.23
C THR A 616 -16.08 -4.63 15.21
N ALA A 617 -15.47 -4.61 14.04
CA ALA A 617 -14.07 -4.26 13.93
C ALA A 617 -13.80 -2.86 14.42
N ALA A 618 -14.69 -1.92 14.06
CA ALA A 618 -14.52 -0.56 14.54
C ALA A 618 -14.58 -0.50 16.06
N ASP A 619 -15.52 -1.21 16.66
CA ASP A 619 -15.58 -1.21 18.12
C ASP A 619 -14.32 -1.78 18.71
N LYS A 620 -13.76 -2.85 18.08
CA LYS A 620 -12.54 -3.47 18.58
C LYS A 620 -11.34 -2.55 18.42
N LEU A 621 -11.29 -1.81 17.33
CA LEU A 621 -10.23 -0.85 17.13
C LEU A 621 -10.33 0.30 18.10
N LEU A 622 -11.56 0.77 18.37
CA LEU A 622 -11.72 1.83 19.36
C LEU A 622 -11.31 1.34 20.72
N ALA A 623 -11.65 0.10 21.06
CA ALA A 623 -11.29 -0.42 22.37
C ALA A 623 -9.77 -0.51 22.49
N ALA A 624 -9.09 -0.91 21.40
CA ALA A 624 -7.63 -0.97 21.40
C ALA A 624 -7.03 0.43 21.58
N ILE A 625 -7.56 1.43 20.88
CA ILE A 625 -7.11 2.80 21.06
C ILE A 625 -7.30 3.25 22.49
N ASN A 626 -8.49 2.96 23.05
CA ASN A 626 -8.84 3.46 24.37
C ASN A 626 -8.03 2.75 25.42
N GLU A 627 -7.67 1.49 25.20
CA GLU A 627 -6.77 0.83 26.14
C GLU A 627 -5.42 1.50 26.13
N ARG A 628 -4.92 1.90 24.96
CA ARG A 628 -3.65 2.63 24.94
CA ARG A 628 -3.65 2.62 24.93
C ARG A 628 -3.75 3.96 25.67
N ARG A 629 -4.88 4.67 25.48
CA ARG A 629 -5.07 5.93 26.19
C ARG A 629 -5.02 5.68 27.67
N ALA A 630 -5.76 4.67 28.15
CA ALA A 630 -5.74 4.37 29.59
C ALA A 630 -4.33 4.07 30.08
N GLY A 631 -3.56 3.32 29.30
CA GLY A 631 -2.20 3.02 29.71
C GLY A 631 -1.30 4.23 29.80
N LEU A 632 -1.65 5.32 29.10
CA LEU A 632 -0.96 6.59 29.24
C LEU A 632 -1.60 7.47 30.30
N GLY A 633 -2.59 6.96 31.03
CA GLY A 633 -3.27 7.74 32.03
C GLY A 633 -4.17 8.81 31.48
N LEU A 634 -4.65 8.65 30.28
CA LEU A 634 -5.50 9.66 29.66
C LEU A 634 -6.97 9.31 29.78
N PRO A 635 -7.86 10.32 29.82
CA PRO A 635 -9.28 10.02 29.72
C PRO A 635 -9.61 9.44 28.36
N TRP A 636 -10.69 8.67 28.30
CA TRP A 636 -11.14 8.12 27.03
C TRP A 636 -12.67 7.90 27.08
FE1 SF4 B . 2.64 -33.24 2.98
FE2 SF4 B . 5.00 -32.78 1.93
FE3 SF4 B . 3.64 -30.83 3.11
FE4 SF4 B . 4.70 -32.77 4.62
S1 SF4 B . 5.76 -31.20 3.37
S2 SF4 B . 2.68 -31.95 4.82
S3 SF4 B . 4.41 -34.52 3.21
S4 SF4 B . 3.14 -31.90 1.25
FE1 FES C . -5.20 -27.72 -1.14
FE2 FES C . -7.78 -27.15 -1.55
S1 FES C . -6.93 -29.12 -0.82
S2 FES C . -6.21 -25.66 -1.19
FE FE D . -2.26 -4.37 -4.24
FE FE E . -3.08 -4.49 -2.32
FE FE F . -3.76 -1.87 -4.15
FE FE G . -4.03 -1.93 -5.64
FE FE H . -0.94 -2.69 -1.32
FE FE I . -2.57 -1.62 -1.60
FE FE2 J . -0.50 -1.57 -4.04
FE FE2 J . -1.02 -1.01 -3.05
#